data_4C00
#
_entry.id   4C00
#
_cell.length_a   77.470
_cell.length_b   261.060
_cell.length_c   57.840
_cell.angle_alpha   90.00
_cell.angle_beta   90.00
_cell.angle_gamma   90.00
#
_symmetry.space_group_name_H-M   'P 21 21 2'
#
loop_
_entity.id
_entity.type
_entity.pdbx_description
1 polymer 'TRANSLOCATION AND ASSEMBLY MODULE TAMA'
2 non-polymer 1,2-DIMYRISTOYL-RAC-GLYCERO-3-PHOSPHOCHOLINE
3 non-polymer 'ACETATE ION'
4 non-polymer 'CHLORIDE ION'
5 water water
#
_entity_poly.entity_id   1
_entity_poly.type   'polypeptide(L)'
_entity_poly.pdbx_seq_one_letter_code
;GIQANVRLQVEGLSGQLEKNVRAQLSTIESDEVTPDRRFRARVDDAIREGLKALGYYQPTIEFDLRPPPKKGRQVLIAKV
TPGVPVLIGGTDVVLRGGARTDKDYLKLLDTRPAIGTVLNQGDYENFKKSLTSIALRKGYFDSEFTKAQLGIALGLHKAF
WDIDYNSGERYRFGHVTFEGSQIRDEYLQNLVPFKEGDEYESKDLAELNRRLSATGWFNSVVVAPQFDKARETKVLPLTG
VVSPRTENTIETGVGYSTDVGPRVKATWKKPWMNSYGHSLTTSTSISAPEQTLDFSYKMPLLKNPLEQYYLVQGGFKRTD
LNDTESDSTTLVASRYWDLSSGWQRAINLRWSLDHFTQGEITNTTMLFYPGVMISRTRSRGGLMPTWGDSQRYSIDYSNT
AWGSDVDFSVFQAQNVWIRTLYDRHRFVTRGTLGWIETGDFDKVPPDLRFFAGGDRSIRGYKYKSIAPKYANGDLKGASK
LITGSLEYQYNVTGKWWGAVFVDSGEAVSDIRRSDFKTGTGVGVRWESPVGPIKLDFAVPVADKDEHGLQFYIGLGPEL
;
_entity_poly.pdbx_strand_id   A
#
loop_
_chem_comp.id
_chem_comp.type
_chem_comp.name
_chem_comp.formula
ACT non-polymer 'ACETATE ION' 'C2 H3 O2 -1'
CL non-polymer 'CHLORIDE ION' 'Cl -1'
MC3 non-polymer 1,2-DIMYRISTOYL-RAC-GLYCERO-3-PHOSPHOCHOLINE 'C36 H72 N O8 P'
#
# COMPACT_ATOMS: atom_id res chain seq x y z
N ARG A 7 28.04 -36.51 -15.21
CA ARG A 7 26.84 -36.49 -14.39
C ARG A 7 27.01 -37.37 -13.15
N LEU A 8 26.41 -36.94 -12.05
CA LEU A 8 26.53 -37.64 -10.77
C LEU A 8 25.15 -37.98 -10.20
N GLN A 9 25.09 -39.03 -9.39
CA GLN A 9 23.83 -39.53 -8.85
C GLN A 9 24.04 -40.10 -7.44
N VAL A 10 23.07 -39.85 -6.56
CA VAL A 10 23.11 -40.34 -5.19
C VAL A 10 22.19 -41.55 -5.02
N GLU A 11 22.31 -42.20 -3.87
CA GLU A 11 21.45 -43.34 -3.54
C GLU A 11 21.60 -43.72 -2.07
N GLY A 12 20.48 -44.01 -1.41
CA GLY A 12 20.47 -44.42 -0.02
C GLY A 12 19.92 -43.37 0.91
N LEU A 13 19.17 -42.41 0.35
CA LEU A 13 18.53 -41.35 1.12
C LEU A 13 17.04 -41.34 0.82
N SER A 14 16.23 -41.26 1.87
CA SER A 14 14.79 -41.47 1.75
C SER A 14 13.98 -40.18 1.58
N GLY A 15 14.05 -39.31 2.58
CA GLY A 15 13.21 -38.11 2.63
C GLY A 15 13.98 -36.81 2.50
N GLN A 16 13.88 -35.97 3.53
CA GLN A 16 14.56 -34.67 3.57
C GLN A 16 16.06 -34.85 3.40
N LEU A 17 16.56 -36.02 3.81
CA LEU A 17 17.98 -36.33 3.68
C LEU A 17 18.42 -36.27 2.22
N GLU A 18 17.53 -36.67 1.32
CA GLU A 18 17.85 -36.69 -0.11
C GLU A 18 17.59 -35.32 -0.74
N LYS A 19 16.99 -34.41 0.03
CA LYS A 19 16.69 -33.07 -0.45
C LYS A 19 17.81 -32.10 -0.11
N ASN A 20 18.34 -32.20 1.11
CA ASN A 20 19.42 -31.33 1.55
C ASN A 20 20.74 -31.68 0.88
N VAL A 21 20.96 -32.97 0.64
CA VAL A 21 22.16 -33.44 -0.05
C VAL A 21 22.15 -32.96 -1.49
N ARG A 22 20.97 -32.94 -2.10
CA ARG A 22 20.85 -32.53 -3.50
C ARG A 22 21.03 -31.03 -3.66
N ALA A 23 20.68 -30.27 -2.62
CA ALA A 23 20.86 -28.83 -2.62
C ALA A 23 22.32 -28.47 -2.34
N GLN A 24 23.03 -29.38 -1.69
CA GLN A 24 24.42 -29.16 -1.34
C GLN A 24 25.33 -29.49 -2.52
N LEU A 25 24.93 -30.47 -3.32
CA LEU A 25 25.74 -30.93 -4.45
C LEU A 25 25.61 -30.00 -5.66
N SER A 26 24.48 -29.30 -5.75
CA SER A 26 24.23 -28.41 -6.88
C SER A 26 24.90 -27.04 -6.69
N THR A 27 26.11 -27.06 -6.15
CA THR A 27 26.91 -25.86 -5.96
C THR A 27 28.24 -26.01 -6.69
N ILE A 28 28.61 -27.27 -6.96
CA ILE A 28 29.81 -27.58 -7.74
C ILE A 28 29.39 -28.14 -9.10
N GLU A 29 30.21 -27.92 -10.11
CA GLU A 29 29.89 -28.33 -11.47
C GLU A 29 30.09 -29.84 -11.62
N SER A 30 29.08 -30.51 -12.19
CA SER A 30 29.12 -31.95 -12.36
C SER A 30 29.80 -32.35 -13.67
N ASP A 31 29.03 -32.36 -14.76
CA ASP A 31 29.58 -32.68 -16.08
C ASP A 31 30.64 -31.66 -16.47
N GLU A 32 31.90 -32.06 -16.35
CA GLU A 32 33.02 -31.16 -16.58
C GLU A 32 34.31 -31.94 -16.73
N VAL A 33 35.32 -31.31 -17.33
CA VAL A 33 36.65 -31.90 -17.41
C VAL A 33 37.32 -31.76 -16.05
N THR A 34 37.14 -32.76 -15.20
CA THR A 34 37.61 -32.70 -13.81
C THR A 34 38.26 -34.01 -13.37
N PRO A 35 39.00 -33.98 -12.26
CA PRO A 35 39.68 -35.18 -11.74
C PRO A 35 38.74 -36.33 -11.39
N ASP A 36 39.31 -37.45 -10.94
CA ASP A 36 38.54 -38.63 -10.57
C ASP A 36 38.91 -39.13 -9.17
N ARG A 37 39.86 -38.44 -8.54
CA ARG A 37 40.23 -38.73 -7.15
C ARG A 37 40.44 -37.45 -6.34
N ARG A 38 40.39 -36.31 -7.02
CA ARG A 38 40.42 -35.02 -6.36
C ARG A 38 39.03 -34.40 -6.38
N PHE A 39 38.20 -34.84 -7.34
CA PHE A 39 36.83 -34.35 -7.45
C PHE A 39 35.89 -35.15 -6.55
N ARG A 40 36.06 -36.47 -6.54
CA ARG A 40 35.22 -37.30 -5.69
C ARG A 40 35.56 -37.09 -4.21
N ALA A 41 36.60 -36.31 -3.96
CA ALA A 41 36.93 -35.85 -2.62
C ALA A 41 36.20 -34.55 -2.32
N ARG A 42 35.81 -33.83 -3.37
CA ARG A 42 35.01 -32.62 -3.21
C ARG A 42 33.55 -32.98 -2.98
N VAL A 43 33.09 -34.04 -3.65
CA VAL A 43 31.73 -34.52 -3.50
C VAL A 43 31.55 -35.11 -2.10
N ASP A 44 32.58 -35.77 -1.60
CA ASP A 44 32.52 -36.41 -0.29
C ASP A 44 32.36 -35.37 0.83
N ASP A 45 33.09 -34.27 0.71
CA ASP A 45 33.03 -33.21 1.72
C ASP A 45 31.65 -32.56 1.75
N ALA A 46 31.04 -32.43 0.58
CA ALA A 46 29.72 -31.79 0.47
C ALA A 46 28.63 -32.64 1.12
N ILE A 47 28.61 -33.92 0.78
CA ILE A 47 27.61 -34.84 1.30
C ILE A 47 27.65 -34.90 2.83
N ARG A 48 28.87 -35.03 3.37
CA ARG A 48 29.05 -35.12 4.81
C ARG A 48 28.62 -33.83 5.51
N GLU A 49 28.70 -32.71 4.80
CA GLU A 49 28.34 -31.42 5.38
C GLU A 49 26.82 -31.27 5.46
N GLY A 50 26.13 -31.75 4.42
CA GLY A 50 24.68 -31.72 4.39
C GLY A 50 24.10 -32.68 5.41
N LEU A 51 24.80 -33.79 5.64
CA LEU A 51 24.37 -34.78 6.61
C LEU A 51 24.66 -34.32 8.04
N LYS A 52 25.80 -33.69 8.24
CA LYS A 52 26.19 -33.17 9.55
C LYS A 52 25.16 -32.17 10.07
N ALA A 53 24.63 -31.36 9.16
CA ALA A 53 23.66 -30.33 9.54
C ALA A 53 22.34 -30.96 9.98
N LEU A 54 22.11 -32.21 9.57
CA LEU A 54 20.87 -32.91 9.91
C LEU A 54 21.09 -34.01 10.96
N GLY A 55 22.33 -34.19 11.39
CA GLY A 55 22.63 -35.03 12.53
C GLY A 55 23.59 -36.18 12.30
N TYR A 56 23.80 -36.54 11.04
CA TYR A 56 24.60 -37.72 10.70
C TYR A 56 26.09 -37.38 10.54
N TYR A 57 26.89 -37.78 11.52
CA TYR A 57 28.31 -37.44 11.58
C TYR A 57 29.21 -38.56 11.08
N GLN A 58 28.73 -39.80 11.18
CA GLN A 58 29.54 -40.97 10.84
C GLN A 58 28.90 -41.81 9.73
N PRO A 59 28.81 -41.25 8.51
CA PRO A 59 28.28 -41.98 7.36
C PRO A 59 29.36 -42.80 6.65
N THR A 60 28.99 -43.36 5.50
CA THR A 60 29.93 -44.10 4.66
C THR A 60 29.54 -43.90 3.20
N ILE A 61 30.52 -43.52 2.37
CA ILE A 61 30.28 -43.24 0.96
C ILE A 61 31.27 -44.02 0.10
N GLU A 62 30.84 -44.41 -1.09
CA GLU A 62 31.66 -45.21 -1.99
C GLU A 62 31.18 -45.04 -3.44
N PHE A 63 32.12 -45.10 -4.38
CA PHE A 63 31.85 -44.71 -5.76
C PHE A 63 32.10 -45.82 -6.77
N ASP A 64 31.39 -45.74 -7.90
CA ASP A 64 31.53 -46.69 -8.99
C ASP A 64 31.47 -45.97 -10.34
N LEU A 65 32.11 -46.55 -11.35
CA LEU A 65 32.18 -45.95 -12.68
C LEU A 65 32.77 -44.55 -12.63
N VAL A 75 28.98 -42.70 -16.20
CA VAL A 75 28.53 -41.75 -15.19
C VAL A 75 28.89 -42.21 -13.78
N LEU A 76 29.10 -41.25 -12.88
CA LEU A 76 29.50 -41.53 -11.51
C LEU A 76 28.28 -41.73 -10.61
N ILE A 77 28.34 -42.74 -9.74
CA ILE A 77 27.32 -42.97 -8.74
C ILE A 77 27.95 -43.07 -7.36
N ALA A 78 27.21 -42.65 -6.33
CA ALA A 78 27.73 -42.63 -4.98
C ALA A 78 26.73 -43.23 -3.99
N LYS A 79 27.09 -44.39 -3.44
CA LYS A 79 26.26 -45.05 -2.44
C LYS A 79 26.50 -44.46 -1.05
N VAL A 80 25.64 -43.53 -0.66
CA VAL A 80 25.74 -42.90 0.66
C VAL A 80 24.84 -43.63 1.66
N THR A 81 25.39 -43.85 2.86
CA THR A 81 24.64 -44.42 3.97
C THR A 81 24.66 -43.42 5.12
N PRO A 82 23.48 -43.07 5.67
CA PRO A 82 23.43 -42.07 6.74
C PRO A 82 24.30 -42.41 7.94
N GLY A 83 24.16 -43.62 8.47
CA GLY A 83 24.90 -44.04 9.64
C GLY A 83 24.22 -43.59 10.93
N VAL A 84 24.96 -43.64 12.02
CA VAL A 84 24.40 -43.25 13.32
C VAL A 84 24.23 -41.73 13.40
N PRO A 85 23.05 -41.26 13.84
CA PRO A 85 22.84 -39.82 14.03
C PRO A 85 23.10 -39.39 15.47
N VAL A 86 23.58 -38.17 15.66
CA VAL A 86 23.71 -37.60 17.00
C VAL A 86 22.36 -37.04 17.42
N LEU A 87 21.97 -37.33 18.66
CA LEU A 87 20.69 -36.89 19.19
C LEU A 87 20.89 -35.80 20.23
N ILE A 88 19.81 -35.13 20.62
CA ILE A 88 19.89 -34.08 21.63
C ILE A 88 19.91 -34.70 23.02
N GLY A 89 20.96 -34.40 23.78
CA GLY A 89 21.10 -34.89 25.14
C GLY A 89 20.64 -33.86 26.16
N GLY A 90 20.79 -32.59 25.83
CA GLY A 90 20.40 -31.52 26.72
C GLY A 90 20.37 -30.16 26.04
N THR A 91 19.32 -29.39 26.31
CA THR A 91 19.19 -28.04 25.78
C THR A 91 19.27 -27.03 26.91
N ASP A 92 20.32 -27.16 27.73
CA ASP A 92 20.49 -26.33 28.92
C ASP A 92 20.66 -24.85 28.58
N VAL A 93 19.74 -24.03 29.08
CA VAL A 93 19.83 -22.58 28.96
C VAL A 93 19.40 -21.91 30.26
N VAL A 94 20.24 -21.00 30.75
CA VAL A 94 19.94 -20.20 31.93
C VAL A 94 19.92 -18.73 31.53
N LEU A 95 18.90 -18.01 32.02
CA LEU A 95 18.71 -16.62 31.66
C LEU A 95 18.81 -15.72 32.89
N ARG A 96 19.53 -14.62 32.73
CA ARG A 96 19.74 -13.66 33.81
C ARG A 96 19.24 -12.27 33.41
N GLY A 97 18.80 -11.50 34.40
CA GLY A 97 18.27 -10.17 34.16
C GLY A 97 16.76 -10.20 33.98
N GLY A 98 16.23 -9.23 33.24
CA GLY A 98 14.81 -9.16 32.98
C GLY A 98 14.33 -10.29 32.10
N ALA A 99 15.27 -10.94 31.42
CA ALA A 99 14.94 -12.03 30.49
C ALA A 99 14.38 -13.24 31.23
N ARG A 100 14.86 -13.45 32.45
CA ARG A 100 14.44 -14.59 33.26
C ARG A 100 12.93 -14.56 33.52
N THR A 101 12.35 -13.37 33.45
CA THR A 101 10.92 -13.17 33.73
C THR A 101 10.20 -12.51 32.56
N ASP A 102 10.90 -12.31 31.45
CA ASP A 102 10.33 -11.66 30.28
C ASP A 102 9.57 -12.67 29.42
N LYS A 103 8.36 -12.30 29.00
CA LYS A 103 7.47 -13.22 28.29
C LYS A 103 8.04 -13.70 26.95
N ASP A 104 8.72 -12.81 26.24
CA ASP A 104 9.27 -13.17 24.93
C ASP A 104 10.41 -14.17 25.07
N TYR A 105 11.24 -13.99 26.09
CA TYR A 105 12.34 -14.91 26.35
C TYR A 105 11.81 -16.26 26.84
N LEU A 106 10.82 -16.22 27.73
CA LEU A 106 10.19 -17.43 28.23
C LEU A 106 9.58 -18.23 27.09
N LYS A 107 8.94 -17.52 26.16
CA LYS A 107 8.29 -18.15 25.02
C LYS A 107 9.31 -18.85 24.12
N LEU A 108 10.49 -18.26 24.01
CA LEU A 108 11.54 -18.81 23.15
C LEU A 108 12.09 -20.12 23.70
N LEU A 109 12.11 -20.25 25.02
CA LEU A 109 12.68 -21.43 25.67
C LEU A 109 11.97 -22.72 25.26
N ASP A 110 10.72 -22.60 24.81
CA ASP A 110 9.95 -23.77 24.40
C ASP A 110 10.29 -24.19 22.97
N THR A 111 10.88 -23.28 22.20
CA THR A 111 11.27 -23.58 20.83
C THR A 111 12.41 -24.58 20.79
N ARG A 112 13.07 -24.76 21.93
CA ARG A 112 14.21 -25.68 22.03
C ARG A 112 13.79 -27.10 21.67
N PRO A 113 14.67 -27.83 20.96
CA PRO A 113 14.33 -29.21 20.54
C PRO A 113 14.31 -30.18 21.72
N ALA A 114 13.34 -31.10 21.70
CA ALA A 114 13.20 -32.07 22.78
C ALA A 114 14.37 -33.05 22.81
N ILE A 115 14.66 -33.57 24.00
CA ILE A 115 15.68 -34.61 24.15
C ILE A 115 15.23 -35.86 23.41
N GLY A 116 16.18 -36.49 22.71
CA GLY A 116 15.90 -37.69 21.94
C GLY A 116 15.78 -37.39 20.45
N THR A 117 15.26 -36.21 20.12
CA THR A 117 15.13 -35.80 18.73
C THR A 117 16.50 -35.68 18.08
N VAL A 118 16.54 -35.80 16.76
CA VAL A 118 17.80 -35.74 16.03
C VAL A 118 18.36 -34.31 16.01
N LEU A 119 19.67 -34.21 16.14
CA LEU A 119 20.35 -32.92 16.21
C LEU A 119 20.27 -32.15 14.90
N ASN A 120 19.97 -30.86 15.01
CA ASN A 120 20.11 -29.92 13.91
C ASN A 120 20.88 -28.70 14.40
N GLN A 121 22.03 -28.43 13.78
CA GLN A 121 22.90 -27.37 14.22
C GLN A 121 22.27 -26.00 14.00
N GLY A 122 21.33 -25.93 13.07
CA GLY A 122 20.63 -24.70 12.78
C GLY A 122 19.82 -24.21 13.97
N ASP A 123 19.27 -25.16 14.73
CA ASP A 123 18.44 -24.83 15.88
C ASP A 123 19.24 -24.13 16.98
N TYR A 124 20.49 -24.56 17.17
CA TYR A 124 21.35 -23.97 18.18
C TYR A 124 21.67 -22.52 17.87
N GLU A 125 22.24 -22.30 16.68
CA GLU A 125 22.67 -20.96 16.28
C GLU A 125 21.47 -20.02 16.10
N ASN A 126 20.33 -20.56 15.68
CA ASN A 126 19.13 -19.74 15.53
C ASN A 126 18.55 -19.34 16.89
N PHE A 127 18.68 -20.21 17.87
CA PHE A 127 18.26 -19.89 19.22
C PHE A 127 19.12 -18.74 19.75
N LYS A 128 20.40 -18.76 19.39
CA LYS A 128 21.31 -17.68 19.77
C LYS A 128 20.91 -16.37 19.11
N LYS A 129 20.57 -16.43 17.82
CA LYS A 129 20.12 -15.26 17.08
C LYS A 129 18.89 -14.64 17.75
N SER A 130 18.00 -15.51 18.21
CA SER A 130 16.74 -15.07 18.80
C SER A 130 16.95 -14.35 20.13
N LEU A 131 17.86 -14.87 20.95
CA LEU A 131 18.22 -14.20 22.20
C LEU A 131 18.70 -12.78 21.90
N THR A 132 19.60 -12.69 20.93
CA THR A 132 20.19 -11.41 20.54
C THR A 132 19.16 -10.50 19.89
N SER A 133 18.21 -11.09 19.17
CA SER A 133 17.19 -10.33 18.46
C SER A 133 16.18 -9.68 19.41
N ILE A 134 15.74 -10.42 20.41
CA ILE A 134 14.76 -9.92 21.38
C ILE A 134 15.37 -8.77 22.18
N ALA A 135 16.65 -8.90 22.52
CA ALA A 135 17.34 -7.87 23.29
C ALA A 135 17.37 -6.56 22.51
N LEU A 136 17.56 -6.66 21.21
CA LEU A 136 17.60 -5.49 20.34
C LEU A 136 16.22 -4.83 20.30
N ARG A 137 15.20 -5.66 20.07
CA ARG A 137 13.81 -5.21 20.00
C ARG A 137 13.37 -4.47 21.26
N LYS A 138 13.58 -5.11 22.41
CA LYS A 138 12.98 -4.67 23.67
C LYS A 138 13.92 -3.84 24.54
N GLY A 139 15.07 -3.47 23.99
CA GLY A 139 15.95 -2.52 24.64
C GLY A 139 16.82 -3.07 25.76
N TYR A 140 17.19 -4.34 25.68
CA TYR A 140 18.17 -4.92 26.59
C TYR A 140 19.56 -4.64 26.05
N PHE A 141 20.02 -3.40 26.16
CA PHE A 141 21.26 -2.99 25.54
C PHE A 141 22.51 -3.35 26.35
N ASP A 142 22.32 -4.05 27.46
CA ASP A 142 23.43 -4.55 28.27
C ASP A 142 23.52 -6.07 28.15
N SER A 143 22.78 -6.63 27.20
CA SER A 143 22.70 -8.09 27.07
C SER A 143 24.03 -8.69 26.64
N GLU A 144 24.38 -9.82 27.24
CA GLU A 144 25.63 -10.51 26.92
C GLU A 144 25.56 -11.99 27.25
N PHE A 145 26.17 -12.81 26.40
CA PHE A 145 26.35 -14.22 26.70
C PHE A 145 27.51 -14.36 27.67
N THR A 146 27.26 -14.98 28.81
CA THR A 146 28.33 -15.30 29.75
C THR A 146 28.92 -16.65 29.35
N LYS A 147 28.09 -17.48 28.72
CA LYS A 147 28.54 -18.76 28.18
C LYS A 147 27.67 -19.14 26.98
N ALA A 148 28.32 -19.68 25.95
CA ALA A 148 27.61 -20.16 24.76
C ALA A 148 28.43 -21.24 24.07
N GLN A 149 28.05 -22.49 24.30
CA GLN A 149 28.79 -23.64 23.77
C GLN A 149 27.85 -24.77 23.38
N LEU A 150 28.23 -25.49 22.34
CA LEU A 150 27.53 -26.70 21.92
C LEU A 150 28.48 -27.90 21.95
N GLY A 151 28.32 -28.73 22.97
CA GLY A 151 29.16 -29.90 23.13
C GLY A 151 28.65 -31.09 22.34
N ILE A 152 29.46 -31.57 21.41
CA ILE A 152 29.12 -32.74 20.61
C ILE A 152 29.93 -33.94 21.09
N ALA A 153 29.24 -34.93 21.66
CA ALA A 153 29.87 -36.15 22.15
C ALA A 153 29.53 -37.33 21.25
N LEU A 154 30.41 -37.58 20.27
CA LEU A 154 30.20 -38.67 19.32
C LEU A 154 30.19 -40.03 20.01
N GLY A 155 30.89 -40.13 21.14
CA GLY A 155 30.94 -41.38 21.90
C GLY A 155 29.57 -41.79 22.39
N LEU A 156 28.76 -40.80 22.79
CA LEU A 156 27.40 -41.04 23.25
C LEU A 156 26.40 -40.83 22.11
N HIS A 157 26.87 -40.28 21.01
CA HIS A 157 26.01 -39.85 19.92
C HIS A 157 24.98 -38.87 20.48
N LYS A 158 25.45 -37.99 21.36
CA LYS A 158 24.60 -37.01 22.02
C LYS A 158 25.21 -35.61 21.95
N ALA A 159 24.35 -34.60 21.85
CA ALA A 159 24.77 -33.21 21.85
C ALA A 159 24.11 -32.47 23.01
N PHE A 160 24.85 -31.54 23.60
CA PHE A 160 24.37 -30.79 24.76
C PHE A 160 24.60 -29.29 24.59
N TRP A 161 23.51 -28.52 24.60
CA TRP A 161 23.62 -27.06 24.66
C TRP A 161 24.19 -26.67 26.01
N ASP A 162 24.83 -25.51 26.06
CA ASP A 162 25.21 -24.91 27.34
C ASP A 162 25.30 -23.39 27.18
N ILE A 163 24.16 -22.74 27.37
CA ILE A 163 24.06 -21.29 27.19
C ILE A 163 23.71 -20.63 28.52
N ASP A 164 24.47 -19.59 28.87
CA ASP A 164 24.15 -18.74 30.01
C ASP A 164 24.11 -17.31 29.50
N TYR A 165 22.90 -16.75 29.44
CA TYR A 165 22.65 -15.47 28.80
C TYR A 165 22.11 -14.45 29.80
N ASN A 166 22.78 -13.31 29.88
CA ASN A 166 22.35 -12.22 30.76
C ASN A 166 21.92 -11.01 29.94
N SER A 167 20.64 -10.68 30.01
CA SER A 167 20.07 -9.60 29.22
C SER A 167 20.23 -8.25 29.90
N GLY A 168 20.27 -8.25 31.23
CA GLY A 168 20.26 -7.02 31.99
C GLY A 168 18.82 -6.52 32.11
N GLU A 169 18.67 -5.23 32.37
CA GLU A 169 17.34 -4.62 32.51
C GLU A 169 16.95 -3.86 31.25
N ARG A 170 15.65 -3.66 31.06
CA ARG A 170 15.16 -2.95 29.89
C ARG A 170 15.44 -1.46 29.98
N TYR A 171 15.96 -0.90 28.89
CA TYR A 171 16.15 0.54 28.78
C TYR A 171 14.80 1.18 28.53
N ARG A 172 14.63 2.41 29.03
CA ARG A 172 13.40 3.16 28.86
C ARG A 172 13.64 4.40 28.01
N PHE A 173 12.58 4.89 27.37
CA PHE A 173 12.69 6.07 26.53
C PHE A 173 12.91 7.33 27.34
N GLY A 174 13.82 8.18 26.87
CA GLY A 174 14.05 9.48 27.46
C GLY A 174 13.30 10.54 26.67
N HIS A 175 13.85 11.76 26.65
CA HIS A 175 13.26 12.86 25.90
C HIS A 175 13.74 12.84 24.46
N VAL A 176 12.87 13.28 23.55
CA VAL A 176 13.22 13.39 22.13
C VAL A 176 13.54 14.84 21.79
N THR A 177 14.76 15.08 21.33
CA THR A 177 15.21 16.41 20.92
C THR A 177 15.28 16.47 19.40
N PHE A 178 14.62 17.48 18.82
CA PHE A 178 14.61 17.63 17.37
C PHE A 178 15.60 18.69 16.90
N GLU A 179 16.22 18.44 15.76
CA GLU A 179 17.22 19.34 15.19
C GLU A 179 16.97 19.57 13.70
N GLY A 180 17.08 20.82 13.27
CA GLY A 180 16.97 21.17 11.86
C GLY A 180 15.54 21.43 11.40
N SER A 181 14.59 21.37 12.32
CA SER A 181 13.19 21.52 11.97
C SER A 181 12.81 22.98 11.71
N GLN A 182 12.08 23.20 10.62
CA GLN A 182 11.52 24.53 10.33
C GLN A 182 10.11 24.64 10.92
N ILE A 183 9.57 23.50 11.36
CA ILE A 183 8.29 23.45 12.04
C ILE A 183 8.49 23.59 13.54
N ARG A 184 7.58 24.30 14.20
CA ARG A 184 7.64 24.51 15.64
C ARG A 184 7.68 23.18 16.39
N ASP A 185 8.49 23.13 17.44
CA ASP A 185 8.82 21.89 18.12
C ASP A 185 7.60 21.17 18.70
N GLU A 186 6.63 21.93 19.20
CA GLU A 186 5.47 21.34 19.87
C GLU A 186 4.70 20.39 18.95
N TYR A 187 4.72 20.66 17.66
CA TYR A 187 4.06 19.77 16.69
C TYR A 187 4.78 18.44 16.63
N LEU A 188 6.10 18.46 16.68
CA LEU A 188 6.89 17.25 16.59
C LEU A 188 6.76 16.40 17.86
N GLN A 189 6.74 17.07 19.02
CA GLN A 189 6.59 16.37 20.29
C GLN A 189 5.27 15.61 20.35
N ASN A 190 4.23 16.17 19.74
CA ASN A 190 2.91 15.56 19.72
C ASN A 190 2.79 14.40 18.74
N LEU A 191 3.88 14.10 18.02
CA LEU A 191 3.92 12.95 17.12
C LEU A 191 4.72 11.79 17.72
N VAL A 192 5.35 12.03 18.87
CA VAL A 192 6.09 10.98 19.55
C VAL A 192 5.12 9.93 20.08
N PRO A 193 5.20 8.69 19.57
CA PRO A 193 4.20 7.68 19.91
C PRO A 193 4.34 7.11 21.32
N PHE A 194 5.43 7.43 22.01
CA PHE A 194 5.66 6.91 23.35
C PHE A 194 5.74 8.03 24.39
N LYS A 195 5.59 7.64 25.66
CA LYS A 195 5.76 8.56 26.79
C LYS A 195 7.18 8.42 27.30
N GLU A 196 7.76 9.50 27.82
CA GLU A 196 9.05 9.43 28.46
C GLU A 196 8.98 8.47 29.63
N GLY A 197 9.90 7.51 29.67
CA GLY A 197 9.94 6.51 30.73
C GLY A 197 9.39 5.17 30.29
N ASP A 198 8.70 5.16 29.16
CA ASP A 198 8.16 3.92 28.61
C ASP A 198 9.28 2.95 28.26
N GLU A 199 9.05 1.67 28.45
CA GLU A 199 10.02 0.63 28.11
C GLU A 199 10.28 0.65 26.60
N TYR A 200 11.56 0.57 26.24
CA TYR A 200 11.97 0.67 24.84
C TYR A 200 11.37 -0.43 23.97
N GLU A 201 10.94 -0.04 22.78
CA GLU A 201 10.48 -0.99 21.77
C GLU A 201 10.84 -0.45 20.39
N SER A 202 11.58 -1.26 19.63
CA SER A 202 12.15 -0.85 18.35
C SER A 202 11.11 -0.29 17.39
N LYS A 203 9.90 -0.85 17.44
CA LYS A 203 8.86 -0.44 16.50
C LYS A 203 8.34 0.97 16.77
N ASP A 204 8.59 1.49 17.97
CA ASP A 204 8.18 2.84 18.32
C ASP A 204 9.07 3.88 17.64
N LEU A 205 10.35 3.56 17.49
CA LEU A 205 11.26 4.40 16.72
C LEU A 205 10.83 4.42 15.27
N ALA A 206 10.47 3.25 14.75
CA ALA A 206 10.02 3.13 13.37
C ALA A 206 8.75 3.95 13.16
N GLU A 207 7.86 3.92 14.14
CA GLU A 207 6.60 4.65 14.05
C GLU A 207 6.81 6.16 14.10
N LEU A 208 7.78 6.60 14.91
CA LEU A 208 8.09 8.02 14.99
C LEU A 208 8.63 8.52 13.65
N ASN A 209 9.53 7.74 13.06
CA ASN A 209 10.09 8.07 11.76
C ASN A 209 8.98 8.12 10.71
N ARG A 210 8.09 7.13 10.75
CA ARG A 210 6.97 7.06 9.80
C ARG A 210 6.08 8.30 9.94
N ARG A 211 5.68 8.62 11.16
CA ARG A 211 4.80 9.76 11.41
C ARG A 211 5.40 11.06 10.91
N LEU A 212 6.66 11.30 11.25
CA LEU A 212 7.37 12.51 10.82
C LEU A 212 7.42 12.61 9.29
N SER A 213 7.71 11.49 8.63
CA SER A 213 7.81 11.47 7.18
C SER A 213 6.45 11.70 6.53
N ALA A 214 5.40 11.18 7.17
CA ALA A 214 4.05 11.25 6.60
C ALA A 214 3.49 12.67 6.57
N THR A 215 4.06 13.57 7.37
CA THR A 215 3.60 14.96 7.39
C THR A 215 3.93 15.67 6.08
N GLY A 216 4.97 15.20 5.39
CA GLY A 216 5.43 15.84 4.18
C GLY A 216 6.25 17.09 4.46
N TRP A 217 6.51 17.36 5.73
CA TRP A 217 7.23 18.58 6.13
C TRP A 217 8.73 18.51 5.86
N PHE A 218 9.27 17.30 5.69
CA PHE A 218 10.71 17.10 5.69
C PHE A 218 11.24 16.33 4.47
N ASN A 219 12.43 16.69 4.03
CA ASN A 219 13.14 15.95 2.98
C ASN A 219 13.76 14.68 3.53
N SER A 220 14.18 14.73 4.79
CA SER A 220 14.83 13.59 5.42
C SER A 220 14.51 13.54 6.91
N VAL A 221 14.46 12.31 7.45
CA VAL A 221 14.19 12.09 8.86
C VAL A 221 15.09 10.97 9.37
N VAL A 222 15.85 11.27 10.43
CA VAL A 222 16.74 10.30 11.04
C VAL A 222 16.64 10.38 12.56
N VAL A 223 16.06 9.35 13.16
CA VAL A 223 15.94 9.25 14.62
C VAL A 223 17.09 8.40 15.16
N ALA A 224 17.95 9.02 15.95
CA ALA A 224 19.15 8.36 16.46
C ALA A 224 19.13 8.26 17.99
N PRO A 225 19.21 7.03 18.53
CA PRO A 225 19.35 6.90 19.98
C PRO A 225 20.71 7.39 20.47
N GLN A 226 20.75 7.97 21.66
CA GLN A 226 21.98 8.48 22.24
C GLN A 226 22.47 7.54 23.35
N PHE A 227 23.21 6.51 22.96
CA PHE A 227 23.68 5.49 23.89
C PHE A 227 24.76 6.02 24.83
N ASP A 228 25.51 7.02 24.38
CA ASP A 228 26.60 7.59 25.19
C ASP A 228 26.13 8.06 26.56
N LYS A 229 24.84 8.37 26.67
CA LYS A 229 24.28 8.93 27.89
C LYS A 229 23.60 7.86 28.74
N ALA A 230 22.87 6.96 28.08
CA ALA A 230 21.94 6.06 28.75
C ALA A 230 22.61 4.88 29.47
N ARG A 231 23.93 4.87 29.54
CA ARG A 231 24.63 3.74 30.14
C ARG A 231 24.40 3.61 31.64
N GLU A 232 24.27 4.74 32.34
CA GLU A 232 24.08 4.74 33.79
C GLU A 232 22.61 4.80 34.17
N THR A 233 21.83 5.60 33.44
CA THR A 233 20.43 5.85 33.78
C THR A 233 19.49 4.78 33.22
N LYS A 234 19.95 4.08 32.18
CA LYS A 234 19.11 3.16 31.43
C LYS A 234 17.93 3.88 30.78
N VAL A 235 18.03 5.21 30.69
CA VAL A 235 17.03 6.03 30.02
C VAL A 235 17.64 6.58 28.74
N LEU A 236 17.00 6.28 27.61
CA LEU A 236 17.58 6.52 26.29
C LEU A 236 16.99 7.75 25.60
N PRO A 237 17.70 8.89 25.64
CA PRO A 237 17.24 10.04 24.86
C PRO A 237 17.41 9.83 23.36
N LEU A 238 16.49 10.38 22.57
CA LEU A 238 16.55 10.28 21.12
C LEU A 238 16.80 11.66 20.52
N THR A 239 17.49 11.68 19.38
CA THR A 239 17.70 12.91 18.63
C THR A 239 17.12 12.75 17.24
N GLY A 240 16.06 13.50 16.95
CA GLY A 240 15.39 13.44 15.67
C GLY A 240 15.82 14.59 14.78
N VAL A 241 16.84 14.35 13.96
CA VAL A 241 17.34 15.38 13.06
C VAL A 241 16.58 15.31 11.74
N VAL A 242 16.06 16.46 11.31
CA VAL A 242 15.28 16.55 10.09
C VAL A 242 15.84 17.62 9.18
N SER A 243 15.50 17.53 7.90
CA SER A 243 15.80 18.57 6.93
C SER A 243 14.48 19.06 6.35
N PRO A 244 14.33 20.38 6.17
CA PRO A 244 13.06 20.87 5.62
C PRO A 244 12.79 20.32 4.21
N ARG A 245 11.52 20.02 3.93
CA ARG A 245 11.12 19.58 2.61
C ARG A 245 11.36 20.68 1.59
N THR A 246 11.70 20.29 0.37
CA THR A 246 11.78 21.21 -0.75
C THR A 246 10.51 22.08 -0.78
N GLU A 247 10.70 23.38 -0.91
CA GLU A 247 9.62 24.34 -0.72
C GLU A 247 8.55 24.28 -1.81
N ASN A 248 8.97 23.91 -3.02
CA ASN A 248 8.05 23.81 -4.15
C ASN A 248 8.28 22.54 -4.94
N THR A 249 7.18 21.86 -5.26
CA THR A 249 7.23 20.65 -6.09
C THR A 249 6.15 20.78 -7.15
N ILE A 250 6.50 20.37 -8.37
CA ILE A 250 5.59 20.49 -9.51
C ILE A 250 5.55 19.18 -10.29
N GLU A 251 4.38 18.54 -10.28
CA GLU A 251 4.13 17.35 -11.09
C GLU A 251 3.20 17.71 -12.23
N THR A 252 3.47 17.15 -13.41
CA THR A 252 2.58 17.27 -14.55
C THR A 252 2.17 15.88 -15.02
N GLY A 253 1.16 15.83 -15.87
CA GLY A 253 0.67 14.58 -16.40
C GLY A 253 -0.13 14.83 -17.67
N VAL A 254 -0.02 13.91 -18.63
CA VAL A 254 -0.71 14.05 -19.90
C VAL A 254 -1.42 12.75 -20.26
N GLY A 255 -2.56 12.87 -20.91
CA GLY A 255 -3.33 11.72 -21.34
C GLY A 255 -4.07 12.02 -22.63
N TYR A 256 -4.64 10.99 -23.24
CA TYR A 256 -5.40 11.16 -24.47
C TYR A 256 -6.51 10.11 -24.58
N SER A 257 -7.66 10.55 -25.08
CA SER A 257 -8.76 9.65 -25.37
C SER A 257 -9.43 10.10 -26.65
N THR A 258 -9.92 9.15 -27.43
CA THR A 258 -10.54 9.45 -28.72
C THR A 258 -11.75 10.37 -28.57
N ASP A 259 -12.44 10.27 -27.45
CA ASP A 259 -13.66 11.05 -27.22
C ASP A 259 -13.35 12.44 -26.68
N VAL A 260 -12.48 12.51 -25.68
CA VAL A 260 -12.20 13.77 -24.99
C VAL A 260 -11.08 14.54 -25.66
N GLY A 261 -10.12 13.81 -26.22
CA GLY A 261 -8.93 14.41 -26.80
C GLY A 261 -7.81 14.42 -25.79
N PRO A 262 -6.78 15.26 -26.01
CA PRO A 262 -5.70 15.33 -25.03
C PRO A 262 -6.15 15.95 -23.73
N ARG A 263 -5.51 15.55 -22.63
CA ARG A 263 -5.84 16.05 -21.31
C ARG A 263 -4.56 16.23 -20.53
N VAL A 264 -4.45 17.36 -19.84
CA VAL A 264 -3.25 17.70 -19.08
C VAL A 264 -3.61 18.04 -17.65
N LYS A 265 -2.84 17.50 -16.71
CA LYS A 265 -2.98 17.81 -15.30
C LYS A 265 -1.66 18.35 -14.78
N ALA A 266 -1.72 19.28 -13.83
CA ALA A 266 -0.53 19.77 -13.18
C ALA A 266 -0.85 20.17 -11.75
N THR A 267 0.05 19.84 -10.84
CA THR A 267 -0.09 20.20 -9.44
C THR A 267 1.17 20.87 -8.93
N TRP A 268 0.98 21.97 -8.20
CA TRP A 268 2.08 22.69 -7.57
C TRP A 268 1.89 22.62 -6.07
N LYS A 269 2.78 21.89 -5.41
CA LYS A 269 2.69 21.67 -3.97
C LYS A 269 3.70 22.51 -3.20
N LYS A 270 3.21 23.13 -2.14
CA LYS A 270 4.07 23.80 -1.17
C LYS A 270 3.84 23.11 0.17
N PRO A 271 4.60 22.04 0.44
CA PRO A 271 4.31 21.14 1.56
C PRO A 271 4.50 21.78 2.94
N TRP A 272 5.09 22.96 2.98
CA TRP A 272 5.05 23.77 4.19
C TRP A 272 5.07 25.27 3.86
N MET A 273 4.13 26.00 4.46
CA MET A 273 3.94 27.42 4.20
C MET A 273 4.46 28.26 5.35
N ASN A 274 4.68 27.62 6.49
CA ASN A 274 5.10 28.33 7.69
C ASN A 274 5.50 27.35 8.78
N SER A 275 5.90 27.89 9.93
CA SER A 275 6.39 27.08 11.04
C SER A 275 5.26 26.35 11.76
N TYR A 276 4.02 26.64 11.38
CA TYR A 276 2.86 25.95 11.95
C TYR A 276 2.48 24.72 11.10
N GLY A 277 3.24 24.48 10.04
CA GLY A 277 3.09 23.27 9.26
C GLY A 277 1.92 23.28 8.30
N HIS A 278 1.40 24.47 8.02
CA HIS A 278 0.36 24.60 7.00
C HIS A 278 0.96 24.23 5.66
N SER A 279 0.12 23.77 4.73
CA SER A 279 0.57 23.44 3.38
C SER A 279 -0.46 23.88 2.36
N LEU A 280 0.01 24.10 1.13
CA LEU A 280 -0.83 24.58 0.04
C LEU A 280 -0.62 23.75 -1.21
N THR A 281 -1.70 23.40 -1.88
CA THR A 281 -1.65 22.69 -3.14
C THR A 281 -2.51 23.42 -4.17
N THR A 282 -1.90 23.75 -5.31
CA THR A 282 -2.62 24.33 -6.42
C THR A 282 -2.63 23.31 -7.56
N SER A 283 -3.79 23.10 -8.16
CA SER A 283 -3.96 22.07 -9.17
C SER A 283 -4.80 22.57 -10.33
N THR A 284 -4.53 22.03 -11.51
CA THR A 284 -5.34 22.32 -12.69
C THR A 284 -5.44 21.08 -13.56
N SER A 285 -6.61 20.91 -14.19
CA SER A 285 -6.84 19.83 -15.14
C SER A 285 -7.45 20.45 -16.39
N ILE A 286 -6.80 20.24 -17.53
CA ILE A 286 -7.19 20.89 -18.77
C ILE A 286 -7.46 19.88 -19.88
N SER A 287 -8.65 19.96 -20.44
CA SER A 287 -9.00 19.24 -21.65
C SER A 287 -9.95 20.13 -22.44
N ALA A 288 -10.26 19.74 -23.67
CA ALA A 288 -11.17 20.52 -24.50
C ALA A 288 -12.54 20.75 -23.84
N PRO A 289 -13.19 19.69 -23.35
CA PRO A 289 -14.53 19.88 -22.77
C PRO A 289 -14.57 20.36 -21.32
N GLU A 290 -13.49 20.18 -20.56
CA GLU A 290 -13.50 20.55 -19.15
C GLU A 290 -12.18 21.17 -18.68
N GLN A 291 -12.30 22.24 -17.89
CA GLN A 291 -11.15 22.87 -17.27
C GLN A 291 -11.43 23.19 -15.81
N THR A 292 -10.48 22.86 -14.95
CA THR A 292 -10.60 23.12 -13.53
C THR A 292 -9.34 23.77 -12.97
N LEU A 293 -9.54 24.58 -11.94
CA LEU A 293 -8.43 25.17 -11.20
C LEU A 293 -8.81 25.11 -9.73
N ASP A 294 -7.95 24.52 -8.91
CA ASP A 294 -8.26 24.31 -7.50
C ASP A 294 -7.10 24.72 -6.60
N PHE A 295 -7.47 25.15 -5.40
CA PHE A 295 -6.51 25.44 -4.34
C PHE A 295 -6.93 24.67 -3.10
N SER A 296 -5.95 24.12 -2.39
CA SER A 296 -6.22 23.41 -1.15
C SER A 296 -5.22 23.83 -0.09
N TYR A 297 -5.74 24.41 0.99
CA TYR A 297 -4.92 24.88 2.10
C TYR A 297 -5.20 24.04 3.34
N LYS A 298 -4.15 23.43 3.88
CA LYS A 298 -4.27 22.46 4.97
C LYS A 298 -3.63 22.99 6.25
N MET A 299 -4.34 22.81 7.36
CA MET A 299 -3.89 23.31 8.66
C MET A 299 -3.98 22.22 9.73
N PRO A 300 -2.86 21.53 9.99
CA PRO A 300 -2.78 20.50 11.05
C PRO A 300 -3.14 21.02 12.43
N LEU A 301 -3.89 20.22 13.18
CA LEU A 301 -4.20 20.55 14.57
C LEU A 301 -3.01 20.20 15.45
N LEU A 302 -2.69 21.10 16.39
CA LEU A 302 -1.54 20.92 17.27
C LEU A 302 -1.60 19.62 18.06
N LYS A 303 -2.78 19.26 18.55
CA LYS A 303 -2.93 18.09 19.41
C LYS A 303 -2.63 16.79 18.66
N ASN A 304 -2.91 16.77 17.37
CA ASN A 304 -2.68 15.59 16.54
C ASN A 304 -2.36 16.00 15.10
N PRO A 305 -1.12 16.49 14.86
CA PRO A 305 -0.77 17.13 13.59
C PRO A 305 -0.94 16.23 12.36
N LEU A 306 -0.74 14.92 12.51
CA LEU A 306 -0.86 14.02 11.37
C LEU A 306 -2.29 13.53 11.18
N GLU A 307 -2.95 13.19 12.28
CA GLU A 307 -4.28 12.58 12.20
C GLU A 307 -5.40 13.59 12.00
N GLN A 308 -5.21 14.81 12.50
CA GLN A 308 -6.28 15.81 12.50
C GLN A 308 -5.84 17.14 11.88
N TYR A 309 -6.70 17.70 11.06
CA TYR A 309 -6.41 18.93 10.35
C TYR A 309 -7.67 19.51 9.72
N TYR A 310 -7.64 20.82 9.48
CA TYR A 310 -8.67 21.48 8.69
C TYR A 310 -8.22 21.58 7.24
N LEU A 311 -9.19 21.54 6.32
CA LEU A 311 -8.94 21.79 4.92
C LEU A 311 -9.84 22.91 4.43
N VAL A 312 -9.24 23.91 3.78
CA VAL A 312 -9.99 24.96 3.12
C VAL A 312 -9.65 24.90 1.64
N GLN A 313 -10.67 24.62 0.82
CA GLN A 313 -10.49 24.45 -0.61
C GLN A 313 -11.35 25.43 -1.38
N GLY A 314 -10.82 25.91 -2.50
CA GLY A 314 -11.54 26.78 -3.40
C GLY A 314 -11.26 26.35 -4.81
N GLY A 315 -12.29 26.36 -5.66
CA GLY A 315 -12.14 25.85 -7.01
C GLY A 315 -12.98 26.58 -8.04
N PHE A 316 -12.51 26.52 -9.28
CA PHE A 316 -13.23 27.04 -10.43
C PHE A 316 -13.31 25.93 -11.46
N LYS A 317 -14.45 25.80 -12.11
CA LYS A 317 -14.62 24.80 -13.17
C LYS A 317 -15.42 25.37 -14.32
N ARG A 318 -15.04 24.99 -15.54
CA ARG A 318 -15.80 25.31 -16.72
C ARG A 318 -16.02 24.04 -17.54
N THR A 319 -17.28 23.79 -17.91
CA THR A 319 -17.64 22.64 -18.71
C THR A 319 -18.29 23.10 -20.00
N ASP A 320 -17.86 22.49 -21.11
CA ASP A 320 -18.50 22.67 -22.40
C ASP A 320 -18.49 21.31 -23.06
N LEU A 321 -19.54 20.53 -22.79
CA LEU A 321 -19.54 19.10 -23.10
C LEU A 321 -20.94 18.62 -23.41
N ASN A 322 -21.08 17.96 -24.55
CA ASN A 322 -22.37 17.41 -24.97
C ASN A 322 -23.45 18.50 -24.99
N ASP A 323 -24.43 18.38 -24.09
CA ASP A 323 -25.50 19.38 -24.00
C ASP A 323 -25.33 20.21 -22.73
N THR A 324 -24.14 20.17 -22.17
CA THR A 324 -23.84 20.88 -20.93
C THR A 324 -22.87 22.04 -21.15
N GLU A 325 -23.31 23.23 -20.78
N GLU A 325 -23.29 23.23 -20.76
CA GLU A 325 -22.44 24.40 -20.66
CA GLU A 325 -22.40 24.38 -20.68
C GLU A 325 -22.53 24.86 -19.22
C GLU A 325 -22.51 24.98 -19.28
N SER A 326 -21.39 25.00 -18.57
CA SER A 326 -21.39 25.41 -17.16
C SER A 326 -20.09 26.07 -16.72
N ASP A 327 -20.23 27.02 -15.80
CA ASP A 327 -19.11 27.52 -15.04
C ASP A 327 -19.48 27.46 -13.57
N SER A 328 -18.52 27.03 -12.75
CA SER A 328 -18.79 26.78 -11.34
C SER A 328 -17.69 27.35 -10.46
N THR A 329 -18.10 27.89 -9.32
CA THR A 329 -17.16 28.31 -8.29
C THR A 329 -17.59 27.65 -6.99
N THR A 330 -16.62 27.15 -6.23
CA THR A 330 -16.92 26.47 -4.98
C THR A 330 -15.89 26.77 -3.91
N LEU A 331 -16.37 26.82 -2.67
CA LEU A 331 -15.52 26.92 -1.50
C LEU A 331 -15.92 25.83 -0.53
N VAL A 332 -14.94 25.23 0.13
CA VAL A 332 -15.20 24.13 1.05
C VAL A 332 -14.33 24.25 2.29
N ALA A 333 -14.96 24.08 3.45
CA ALA A 333 -14.25 23.98 4.71
C ALA A 333 -14.51 22.58 5.27
N SER A 334 -13.45 21.88 5.64
CA SER A 334 -13.56 20.50 6.11
C SER A 334 -12.72 20.25 7.34
N ARG A 335 -13.21 19.32 8.17
CA ARG A 335 -12.49 18.85 9.34
C ARG A 335 -12.22 17.36 9.14
N TYR A 336 -10.96 16.95 9.20
CA TYR A 336 -10.57 15.57 8.94
C TYR A 336 -10.09 14.86 10.19
N TRP A 337 -10.39 13.56 10.27
CA TRP A 337 -9.85 12.65 11.28
C TRP A 337 -9.27 11.46 10.55
N ASP A 338 -7.94 11.38 10.48
CA ASP A 338 -7.25 10.29 9.80
C ASP A 338 -6.70 9.26 10.77
N LEU A 339 -6.68 8.01 10.34
CA LEU A 339 -6.13 6.91 11.12
C LEU A 339 -5.00 6.26 10.35
N SER A 340 -4.02 5.71 11.06
CA SER A 340 -2.90 5.03 10.43
C SER A 340 -3.37 3.78 9.69
N SER A 341 -4.56 3.29 10.04
CA SER A 341 -5.14 2.13 9.37
C SER A 341 -5.47 2.46 7.92
N GLY A 342 -5.59 3.75 7.62
CA GLY A 342 -5.85 4.23 6.28
C GLY A 342 -7.19 4.94 6.14
N TRP A 343 -8.05 4.79 7.15
CA TRP A 343 -9.37 5.42 7.10
C TRP A 343 -9.28 6.93 7.28
N GLN A 344 -10.03 7.65 6.44
CA GLN A 344 -10.19 9.09 6.58
C GLN A 344 -11.66 9.37 6.82
N ARG A 345 -11.92 10.28 7.75
CA ARG A 345 -13.28 10.65 8.10
C ARG A 345 -13.35 12.17 8.15
N ALA A 346 -14.33 12.74 7.45
CA ALA A 346 -14.40 14.19 7.33
C ALA A 346 -15.82 14.72 7.39
N ILE A 347 -15.97 15.89 7.99
CA ILE A 347 -17.19 16.67 7.93
C ILE A 347 -16.91 17.83 6.98
N ASN A 348 -17.82 18.03 6.02
CA ASN A 348 -17.65 19.07 5.01
C ASN A 348 -18.72 20.14 5.09
N LEU A 349 -18.34 21.37 4.73
N LEU A 349 -18.32 21.37 4.75
CA LEU A 349 -19.29 22.46 4.57
CA LEU A 349 -19.24 22.48 4.58
C LEU A 349 -18.98 23.20 3.28
C LEU A 349 -18.91 23.11 3.23
N ARG A 350 -19.79 22.95 2.25
CA ARG A 350 -19.54 23.46 0.91
C ARG A 350 -20.47 24.59 0.52
N TRP A 351 -19.89 25.60 -0.13
CA TRP A 351 -20.63 26.64 -0.80
C TRP A 351 -20.27 26.59 -2.26
N SER A 352 -21.24 26.84 -3.14
CA SER A 352 -20.96 26.84 -4.57
C SER A 352 -21.93 27.73 -5.34
N LEU A 353 -21.47 28.25 -6.46
CA LEU A 353 -22.30 29.03 -7.37
C LEU A 353 -22.10 28.49 -8.78
N ASP A 354 -23.21 28.10 -9.40
CA ASP A 354 -23.18 27.44 -10.71
C ASP A 354 -24.10 28.13 -11.71
N HIS A 355 -23.49 28.71 -12.74
N HIS A 355 -23.50 28.73 -12.74
CA HIS A 355 -24.22 29.20 -13.90
CA HIS A 355 -24.26 29.20 -13.89
C HIS A 355 -24.12 28.14 -14.99
C HIS A 355 -24.13 28.15 -14.99
N PHE A 356 -25.26 27.62 -15.43
CA PHE A 356 -25.27 26.53 -16.40
C PHE A 356 -26.44 26.54 -17.37
N THR A 357 -26.23 25.86 -18.49
CA THR A 357 -27.29 25.57 -19.45
C THR A 357 -27.23 24.08 -19.76
N GLN A 358 -28.29 23.36 -19.40
CA GLN A 358 -28.42 21.94 -19.71
C GLN A 358 -29.59 21.76 -20.67
N GLY A 359 -29.28 21.37 -21.90
CA GLY A 359 -30.28 21.34 -22.94
C GLY A 359 -30.78 22.75 -23.22
N GLU A 360 -32.07 22.98 -22.95
CA GLU A 360 -32.67 24.30 -23.11
C GLU A 360 -32.91 24.96 -21.75
N ILE A 361 -32.62 24.24 -20.68
CA ILE A 361 -32.79 24.75 -19.32
C ILE A 361 -31.56 25.55 -18.89
N THR A 362 -31.76 26.81 -18.56
CA THR A 362 -30.70 27.68 -18.03
C THR A 362 -31.03 28.12 -16.61
N ASN A 363 -30.02 28.08 -15.74
CA ASN A 363 -30.19 28.47 -14.35
C ASN A 363 -28.91 28.95 -13.70
N THR A 364 -29.08 29.79 -12.68
CA THR A 364 -28.00 30.16 -11.77
C THR A 364 -28.37 29.62 -10.39
N THR A 365 -27.55 28.71 -9.88
CA THR A 365 -27.83 28.03 -8.63
C THR A 365 -26.73 28.24 -7.61
N MET A 366 -27.10 28.78 -6.45
CA MET A 366 -26.20 28.89 -5.31
C MET A 366 -26.58 27.84 -4.28
N LEU A 367 -25.58 27.09 -3.83
CA LEU A 367 -25.80 26.04 -2.84
C LEU A 367 -24.93 26.28 -1.61
N PHE A 368 -25.45 25.84 -0.47
CA PHE A 368 -24.69 25.84 0.78
C PHE A 368 -25.18 24.64 1.56
N TYR A 369 -24.31 23.66 1.76
CA TYR A 369 -24.73 22.41 2.38
C TYR A 369 -23.59 21.67 3.08
N PRO A 370 -23.87 21.08 4.24
CA PRO A 370 -22.87 20.22 4.88
C PRO A 370 -22.91 18.81 4.30
N GLY A 371 -21.93 18.00 4.69
CA GLY A 371 -21.89 16.61 4.28
C GLY A 371 -20.85 15.87 5.08
N VAL A 372 -20.84 14.55 4.95
CA VAL A 372 -19.86 13.73 5.65
C VAL A 372 -19.23 12.76 4.63
N MET A 373 -17.99 12.36 4.90
CA MET A 373 -17.25 11.52 3.98
C MET A 373 -16.39 10.55 4.76
N ILE A 374 -16.46 9.28 4.37
CA ILE A 374 -15.59 8.24 4.93
C ILE A 374 -14.88 7.56 3.78
N SER A 375 -13.57 7.40 3.88
CA SER A 375 -12.79 6.77 2.83
C SER A 375 -11.58 6.03 3.37
N ARG A 376 -10.99 5.20 2.52
CA ARG A 376 -9.77 4.48 2.88
C ARG A 376 -9.08 3.98 1.62
N THR A 377 -7.74 4.05 1.61
CA THR A 377 -6.96 3.55 0.50
C THR A 377 -5.74 2.78 1.02
N ARG A 378 -5.61 1.54 0.58
CA ARG A 378 -4.48 0.69 0.96
C ARG A 378 -3.75 0.22 -0.28
N SER A 379 -2.45 -0.01 -0.16
CA SER A 379 -1.63 -0.37 -1.31
C SER A 379 -0.28 -0.94 -0.92
N ARG A 380 0.10 -2.05 -1.54
CA ARG A 380 1.44 -2.61 -1.40
C ARG A 380 1.89 -3.22 -2.73
N GLY A 381 3.08 -2.84 -3.16
CA GLY A 381 3.64 -3.32 -4.41
C GLY A 381 4.13 -2.20 -5.32
N GLY A 382 4.00 -0.96 -4.86
CA GLY A 382 4.51 0.19 -5.59
C GLY A 382 3.46 0.94 -6.37
N LEU A 383 3.85 1.48 -7.52
CA LEU A 383 2.98 2.33 -8.32
C LEU A 383 1.90 1.55 -9.07
N MET A 384 2.25 0.36 -9.53
CA MET A 384 1.27 -0.59 -10.03
C MET A 384 1.15 -1.69 -8.97
N PRO A 385 0.34 -1.44 -7.93
CA PRO A 385 0.35 -2.34 -6.78
C PRO A 385 -0.13 -3.76 -7.09
N THR A 386 0.40 -4.72 -6.35
CA THR A 386 0.03 -6.13 -6.52
C THR A 386 -1.23 -6.42 -5.70
N TRP A 387 -1.54 -5.52 -4.78
CA TRP A 387 -2.62 -5.71 -3.82
C TRP A 387 -3.01 -4.34 -3.29
N GLY A 388 -4.31 -4.12 -3.10
CA GLY A 388 -4.79 -2.85 -2.60
C GLY A 388 -6.27 -2.65 -2.83
N ASP A 389 -6.79 -1.54 -2.33
CA ASP A 389 -8.19 -1.21 -2.52
C ASP A 389 -8.47 0.22 -2.09
N SER A 390 -9.52 0.80 -2.64
CA SER A 390 -9.95 2.13 -2.25
C SER A 390 -11.47 2.16 -2.10
N GLN A 391 -11.93 2.80 -1.02
CA GLN A 391 -13.35 2.93 -0.75
C GLN A 391 -13.65 4.38 -0.40
N ARG A 392 -14.77 4.88 -0.91
CA ARG A 392 -15.22 6.22 -0.56
C ARG A 392 -16.74 6.22 -0.47
N TYR A 393 -17.25 6.68 0.67
CA TYR A 393 -18.68 6.81 0.90
C TYR A 393 -18.96 8.23 1.39
N SER A 394 -19.99 8.85 0.86
CA SER A 394 -20.31 10.22 1.22
C SER A 394 -21.82 10.47 1.26
N ILE A 395 -22.20 11.43 2.10
CA ILE A 395 -23.58 11.92 2.14
C ILE A 395 -23.52 13.45 2.19
N ASP A 396 -24.30 14.09 1.33
CA ASP A 396 -24.45 15.54 1.36
C ASP A 396 -25.92 15.90 1.48
N TYR A 397 -26.21 16.95 2.25
CA TYR A 397 -27.58 17.34 2.53
C TYR A 397 -27.76 18.85 2.42
N SER A 398 -28.50 19.26 1.39
CA SER A 398 -28.79 20.67 1.16
C SER A 398 -30.24 20.97 1.55
N ASN A 399 -30.45 22.12 2.17
CA ASN A 399 -31.78 22.52 2.63
C ASN A 399 -32.01 24.01 2.49
N THR A 400 -33.15 24.36 1.91
CA THR A 400 -33.49 25.76 1.67
C THR A 400 -33.65 26.56 2.95
N ALA A 401 -33.84 25.86 4.07
CA ALA A 401 -34.05 26.51 5.35
C ALA A 401 -32.87 27.36 5.79
N TRP A 402 -31.67 27.03 5.32
CA TRP A 402 -30.46 27.77 5.67
C TRP A 402 -29.80 28.46 4.47
N GLY A 403 -30.61 28.80 3.46
CA GLY A 403 -30.15 29.65 2.37
C GLY A 403 -29.84 28.97 1.05
N SER A 404 -29.72 27.65 1.07
CA SER A 404 -29.41 26.91 -0.15
C SER A 404 -30.58 27.04 -1.12
N ASP A 405 -30.30 27.04 -2.42
CA ASP A 405 -31.34 27.26 -3.42
C ASP A 405 -32.21 26.02 -3.62
N VAL A 406 -31.68 24.85 -3.32
CA VAL A 406 -32.37 23.59 -3.60
C VAL A 406 -32.30 22.62 -2.43
N ASP A 407 -33.40 21.91 -2.19
CA ASP A 407 -33.41 20.80 -1.26
C ASP A 407 -32.96 19.53 -1.98
N PHE A 408 -31.92 18.88 -1.46
CA PHE A 408 -31.53 17.57 -1.98
C PHE A 408 -30.72 16.77 -0.98
N SER A 409 -30.60 15.47 -1.26
CA SER A 409 -29.73 14.58 -0.53
C SER A 409 -28.97 13.75 -1.55
N VAL A 410 -27.64 13.70 -1.41
CA VAL A 410 -26.81 12.93 -2.33
C VAL A 410 -26.08 11.84 -1.56
N PHE A 411 -26.25 10.60 -2.00
CA PHE A 411 -25.54 9.46 -1.44
C PHE A 411 -24.63 8.90 -2.51
N GLN A 412 -23.37 8.64 -2.14
CA GLN A 412 -22.39 8.09 -3.07
C GLN A 412 -21.55 7.03 -2.42
N ALA A 413 -21.17 6.04 -3.22
CA ALA A 413 -20.33 4.94 -2.78
C ALA A 413 -19.52 4.47 -3.96
N GLN A 414 -18.23 4.20 -3.74
CA GLN A 414 -17.39 3.67 -4.80
C GLN A 414 -16.29 2.78 -4.24
N ASN A 415 -15.94 1.75 -5.00
CA ASN A 415 -14.98 0.73 -4.58
C ASN A 415 -14.00 0.45 -5.71
N VAL A 416 -12.75 0.21 -5.34
CA VAL A 416 -11.80 -0.42 -6.25
C VAL A 416 -11.08 -1.51 -5.48
N TRP A 417 -11.02 -2.70 -6.06
CA TRP A 417 -10.34 -3.83 -5.44
C TRP A 417 -9.32 -4.41 -6.40
N ILE A 418 -8.07 -4.54 -5.93
CA ILE A 418 -6.98 -5.09 -6.72
C ILE A 418 -6.37 -6.28 -6.01
N ARG A 419 -6.31 -7.41 -6.71
CA ARG A 419 -5.73 -8.62 -6.17
C ARG A 419 -4.90 -9.33 -7.23
N THR A 420 -3.83 -10.01 -6.78
CA THR A 420 -2.94 -10.74 -7.67
C THR A 420 -2.87 -12.21 -7.28
N LEU A 421 -2.99 -13.08 -8.28
CA LEU A 421 -2.88 -14.52 -8.09
C LEU A 421 -1.66 -15.05 -8.84
N TYR A 422 -0.80 -15.77 -8.13
CA TYR A 422 0.37 -16.41 -8.73
C TYR A 422 1.27 -15.43 -9.49
N ASP A 423 1.43 -14.24 -8.92
CA ASP A 423 2.39 -13.23 -9.41
C ASP A 423 2.07 -12.66 -10.79
N ARG A 424 1.28 -13.37 -11.59
CA ARG A 424 1.15 -13.10 -13.01
C ARG A 424 -0.26 -12.67 -13.40
N HIS A 425 -1.22 -12.94 -12.51
CA HIS A 425 -2.64 -12.73 -12.80
C HIS A 425 -3.23 -11.67 -11.88
N ARG A 426 -3.51 -10.50 -12.46
CA ARG A 426 -3.95 -9.35 -11.69
C ARG A 426 -5.40 -9.01 -12.02
N PHE A 427 -6.21 -8.87 -10.98
CA PHE A 427 -7.64 -8.59 -11.14
C PHE A 427 -7.99 -7.23 -10.55
N VAL A 428 -8.61 -6.38 -11.36
CA VAL A 428 -9.06 -5.07 -10.92
C VAL A 428 -10.58 -4.99 -11.05
N THR A 429 -11.24 -4.78 -9.91
CA THR A 429 -12.69 -4.70 -9.86
C THR A 429 -13.12 -3.33 -9.35
N ARG A 430 -14.11 -2.73 -10.02
N ARG A 430 -14.14 -2.76 -10.00
CA ARG A 430 -14.62 -1.41 -9.63
CA ARG A 430 -14.62 -1.42 -9.69
C ARG A 430 -16.13 -1.38 -9.58
C ARG A 430 -16.15 -1.38 -9.59
N GLY A 431 -16.66 -0.48 -8.76
CA GLY A 431 -18.10 -0.29 -8.65
C GLY A 431 -18.39 1.11 -8.14
N THR A 432 -19.39 1.76 -8.74
CA THR A 432 -19.78 3.11 -8.34
C THR A 432 -21.31 3.19 -8.20
N LEU A 433 -21.75 3.79 -7.10
CA LEU A 433 -23.17 4.02 -6.86
C LEU A 433 -23.40 5.50 -6.54
N GLY A 434 -24.48 6.04 -7.10
CA GLY A 434 -24.86 7.42 -6.83
C GLY A 434 -26.37 7.56 -6.82
N TRP A 435 -26.87 8.32 -5.85
CA TRP A 435 -28.30 8.57 -5.72
C TRP A 435 -28.50 10.00 -5.23
N ILE A 436 -29.18 10.82 -6.03
CA ILE A 436 -29.59 12.15 -5.59
C ILE A 436 -31.11 12.21 -5.50
N GLU A 437 -31.59 12.49 -4.29
CA GLU A 437 -33.01 12.63 -4.04
C GLU A 437 -33.33 14.12 -3.95
N THR A 438 -34.27 14.56 -4.78
CA THR A 438 -34.65 15.97 -4.82
C THR A 438 -35.98 16.12 -5.56
N GLY A 439 -36.65 17.24 -5.30
CA GLY A 439 -37.90 17.55 -5.96
C GLY A 439 -37.76 18.66 -6.98
N ASP A 440 -36.54 19.15 -7.16
CA ASP A 440 -36.26 20.23 -8.10
C ASP A 440 -34.98 19.92 -8.89
N PHE A 441 -35.03 18.85 -9.67
CA PHE A 441 -33.86 18.36 -10.39
C PHE A 441 -33.33 19.38 -11.41
N ASP A 442 -34.23 20.14 -12.01
CA ASP A 442 -33.85 21.11 -13.04
C ASP A 442 -32.91 22.20 -12.50
N LYS A 443 -32.96 22.44 -11.20
CA LYS A 443 -32.13 23.48 -10.58
C LYS A 443 -30.79 22.93 -10.10
N VAL A 444 -30.66 21.60 -10.07
CA VAL A 444 -29.41 20.97 -9.65
C VAL A 444 -28.34 21.19 -10.73
N PRO A 445 -27.15 21.67 -10.33
CA PRO A 445 -26.09 21.86 -11.33
C PRO A 445 -25.66 20.54 -11.99
N PRO A 446 -25.36 20.56 -13.30
CA PRO A 446 -24.95 19.37 -14.03
C PRO A 446 -23.82 18.58 -13.35
N ASP A 447 -22.92 19.28 -12.66
CA ASP A 447 -21.81 18.62 -11.97
C ASP A 447 -22.29 17.67 -10.88
N LEU A 448 -23.47 17.94 -10.33
CA LEU A 448 -24.04 17.12 -9.26
C LEU A 448 -25.00 16.06 -9.81
N ARG A 449 -25.36 16.18 -11.08
CA ARG A 449 -26.16 15.16 -11.75
C ARG A 449 -25.23 14.03 -12.17
N PHE A 450 -25.80 12.90 -12.57
CA PHE A 450 -25.01 11.76 -13.01
C PHE A 450 -25.10 11.53 -14.51
N PHE A 451 -23.93 11.29 -15.09
CA PHE A 451 -23.81 10.86 -16.48
C PHE A 451 -22.87 9.68 -16.47
N ALA A 452 -23.08 8.73 -17.37
CA ALA A 452 -22.19 7.58 -17.50
C ALA A 452 -21.54 7.56 -18.87
N GLY A 453 -20.54 6.69 -19.03
CA GLY A 453 -19.80 6.57 -20.27
C GLY A 453 -18.42 7.19 -20.14
N GLY A 454 -17.45 6.55 -20.78
CA GLY A 454 -16.08 7.02 -20.77
C GLY A 454 -15.18 6.19 -19.88
N ASP A 455 -13.90 6.51 -19.89
CA ASP A 455 -12.91 5.81 -19.08
C ASP A 455 -13.27 5.90 -17.60
N ARG A 456 -13.05 4.81 -16.88
CA ARG A 456 -13.38 4.72 -15.45
C ARG A 456 -14.87 4.87 -15.17
N SER A 457 -15.68 4.82 -16.23
CA SER A 457 -17.13 4.75 -16.09
C SER A 457 -17.63 3.56 -16.91
N ILE A 458 -17.78 3.76 -18.22
CA ILE A 458 -18.05 2.66 -19.14
C ILE A 458 -17.22 2.85 -20.41
N ARG A 459 -16.06 2.19 -20.47
CA ARG A 459 -15.20 2.27 -21.63
C ARG A 459 -15.94 1.75 -22.86
N GLY A 460 -15.71 2.38 -24.00
CA GLY A 460 -16.41 2.05 -25.23
C GLY A 460 -17.53 3.02 -25.54
N TYR A 461 -18.01 3.71 -24.50
CA TYR A 461 -19.01 4.77 -24.66
C TYR A 461 -18.38 6.14 -24.44
N LYS A 462 -18.87 7.13 -25.16
CA LYS A 462 -18.33 8.48 -25.07
C LYS A 462 -18.52 9.07 -23.67
N TYR A 463 -17.54 9.86 -23.26
CA TYR A 463 -17.51 10.51 -21.95
C TYR A 463 -18.83 11.20 -21.61
N LYS A 464 -19.52 10.66 -20.59
CA LYS A 464 -20.74 11.26 -20.04
C LYS A 464 -21.86 11.40 -21.07
N SER A 465 -21.90 10.48 -22.04
CA SER A 465 -22.92 10.50 -23.08
C SER A 465 -24.20 9.78 -22.64
N ILE A 466 -24.12 9.04 -21.54
CA ILE A 466 -25.24 8.20 -21.10
C ILE A 466 -26.03 8.85 -19.97
N ALA A 467 -27.28 9.20 -20.25
CA ALA A 467 -28.18 9.78 -19.26
C ALA A 467 -29.58 9.92 -19.88
N PRO A 468 -30.60 10.15 -19.04
CA PRO A 468 -31.94 10.40 -19.57
C PRO A 468 -31.97 11.68 -20.40
N LYS A 469 -33.00 11.84 -21.22
CA LYS A 469 -33.05 12.95 -22.17
C LYS A 469 -34.35 13.75 -22.03
N TYR A 470 -34.26 15.04 -22.36
CA TYR A 470 -35.46 15.85 -22.52
C TYR A 470 -36.22 15.33 -23.72
N ALA A 471 -37.45 15.80 -23.89
CA ALA A 471 -38.28 15.36 -25.01
C ALA A 471 -37.66 15.71 -26.35
N ASN A 472 -36.85 16.77 -26.38
CA ASN A 472 -36.23 17.22 -27.63
C ASN A 472 -34.95 16.44 -27.99
N GLY A 473 -34.56 15.50 -27.15
CA GLY A 473 -33.40 14.66 -27.41
C GLY A 473 -32.12 15.07 -26.68
N ASP A 474 -32.13 16.25 -26.07
CA ASP A 474 -30.96 16.73 -25.34
C ASP A 474 -30.77 15.95 -24.04
N LEU A 475 -29.52 15.75 -23.65
CA LEU A 475 -29.21 15.08 -22.39
C LEU A 475 -29.69 15.94 -21.22
N LYS A 476 -30.18 15.28 -20.18
CA LYS A 476 -30.72 15.96 -19.01
C LYS A 476 -29.89 15.66 -17.77
N GLY A 477 -29.30 14.46 -17.75
CA GLY A 477 -28.60 13.97 -16.57
C GLY A 477 -29.51 13.08 -15.74
N ALA A 478 -28.91 12.22 -14.92
CA ALA A 478 -29.66 11.23 -14.14
C ALA A 478 -29.61 11.56 -12.66
N SER A 479 -30.57 11.01 -11.91
CA SER A 479 -30.58 11.14 -10.46
C SER A 479 -30.02 9.89 -9.80
N LYS A 480 -29.79 8.84 -10.59
CA LYS A 480 -29.17 7.61 -10.09
C LYS A 480 -28.08 7.11 -11.03
N LEU A 481 -27.05 6.51 -10.42
CA LEU A 481 -25.90 6.00 -11.16
C LEU A 481 -25.50 4.64 -10.59
N ILE A 482 -25.34 3.68 -11.48
CA ILE A 482 -24.81 2.36 -11.12
C ILE A 482 -23.86 1.93 -12.23
N THR A 483 -22.59 1.74 -11.88
CA THR A 483 -21.61 1.25 -12.84
C THR A 483 -20.66 0.29 -12.16
N GLY A 484 -20.09 -0.62 -12.95
CA GLY A 484 -19.14 -1.58 -12.43
C GLY A 484 -18.22 -2.06 -13.54
N SER A 485 -17.12 -2.68 -13.15
CA SER A 485 -16.15 -3.17 -14.13
C SER A 485 -15.37 -4.35 -13.57
N LEU A 486 -15.14 -5.34 -14.44
CA LEU A 486 -14.26 -6.46 -14.14
C LEU A 486 -13.11 -6.42 -15.13
N GLU A 487 -11.89 -6.41 -14.62
CA GLU A 487 -10.72 -6.37 -15.48
C GLU A 487 -9.69 -7.40 -15.04
N TYR A 488 -9.17 -8.13 -16.03
CA TYR A 488 -8.18 -9.16 -15.81
C TYR A 488 -6.92 -8.79 -16.57
N GLN A 489 -5.78 -8.86 -15.89
CA GLN A 489 -4.51 -8.50 -16.49
C GLN A 489 -3.50 -9.62 -16.30
N TYR A 490 -2.74 -9.92 -17.35
CA TYR A 490 -1.73 -10.97 -17.32
C TYR A 490 -0.35 -10.43 -17.65
N ASN A 491 0.59 -10.63 -16.74
CA ASN A 491 1.97 -10.17 -16.94
C ASN A 491 2.68 -11.01 -17.99
N VAL A 492 2.58 -10.58 -19.25
CA VAL A 492 3.14 -11.33 -20.37
C VAL A 492 4.65 -11.50 -20.22
N THR A 493 5.35 -10.40 -20.01
CA THR A 493 6.80 -10.46 -19.82
C THR A 493 7.32 -9.19 -19.15
N GLY A 494 8.22 -9.39 -18.19
CA GLY A 494 8.85 -8.29 -17.48
C GLY A 494 7.86 -7.28 -16.90
N LYS A 495 7.73 -6.16 -17.59
CA LYS A 495 6.92 -5.05 -17.13
C LYS A 495 5.70 -4.82 -18.01
N TRP A 496 5.44 -5.75 -18.92
CA TRP A 496 4.37 -5.63 -19.89
C TRP A 496 3.23 -6.59 -19.58
N TRP A 497 2.01 -6.05 -19.56
CA TRP A 497 0.82 -6.83 -19.26
C TRP A 497 -0.21 -6.70 -20.38
N GLY A 498 -0.98 -7.77 -20.57
CA GLY A 498 -2.15 -7.73 -21.42
C GLY A 498 -3.37 -7.64 -20.53
N ALA A 499 -4.42 -6.96 -20.99
CA ALA A 499 -5.62 -6.76 -20.18
C ALA A 499 -6.88 -7.01 -20.98
N VAL A 500 -7.87 -7.60 -20.33
CA VAL A 500 -9.20 -7.77 -20.90
C VAL A 500 -10.21 -7.32 -19.85
N PHE A 501 -11.26 -6.64 -20.28
CA PHE A 501 -12.20 -6.04 -19.34
C PHE A 501 -13.61 -5.93 -19.91
N VAL A 502 -14.57 -5.85 -19.00
CA VAL A 502 -15.95 -5.55 -19.35
C VAL A 502 -16.47 -4.50 -18.38
N ASP A 503 -17.05 -3.44 -18.92
CA ASP A 503 -17.66 -2.38 -18.11
C ASP A 503 -19.15 -2.39 -18.36
N SER A 504 -19.94 -2.18 -17.31
CA SER A 504 -21.38 -2.07 -17.46
C SER A 504 -21.95 -1.12 -16.43
N GLY A 505 -23.01 -0.43 -16.81
CA GLY A 505 -23.68 0.48 -15.89
C GLY A 505 -24.82 1.24 -16.54
N GLU A 506 -25.46 2.09 -15.74
CA GLU A 506 -26.57 2.90 -16.21
C GLU A 506 -26.61 4.22 -15.46
N ALA A 507 -27.21 5.22 -16.10
CA ALA A 507 -27.54 6.48 -15.44
C ALA A 507 -28.99 6.78 -15.75
N VAL A 508 -29.85 6.58 -14.75
CA VAL A 508 -31.28 6.72 -14.93
C VAL A 508 -31.87 7.55 -13.80
N SER A 509 -33.10 8.02 -14.00
CA SER A 509 -33.81 8.79 -12.99
C SER A 509 -34.89 7.96 -12.31
N ASP A 510 -35.16 6.77 -12.85
CA ASP A 510 -36.09 5.82 -12.26
C ASP A 510 -35.41 4.46 -12.21
N ILE A 511 -35.03 4.02 -11.02
CA ILE A 511 -34.21 2.82 -10.87
C ILE A 511 -35.00 1.56 -11.24
N ARG A 512 -36.33 1.68 -11.30
CA ARG A 512 -37.19 0.56 -11.67
C ARG A 512 -37.20 0.34 -13.18
N ARG A 513 -36.58 1.25 -13.93
CA ARG A 513 -36.56 1.18 -15.39
C ARG A 513 -35.12 1.15 -15.88
N SER A 514 -34.54 -0.06 -15.91
CA SER A 514 -33.14 -0.24 -16.24
C SER A 514 -32.81 0.15 -17.67
N ASP A 515 -31.58 0.62 -17.88
CA ASP A 515 -31.07 0.89 -19.22
C ASP A 515 -29.56 0.73 -19.20
N PHE A 516 -29.12 -0.49 -18.91
CA PHE A 516 -27.70 -0.77 -18.77
C PHE A 516 -26.97 -0.75 -20.11
N LYS A 517 -25.80 -0.13 -20.11
CA LYS A 517 -24.93 -0.06 -21.28
C LYS A 517 -23.69 -0.84 -20.94
N THR A 518 -23.19 -1.63 -21.89
CA THR A 518 -22.03 -2.48 -21.67
C THR A 518 -20.96 -2.23 -22.70
N GLY A 519 -19.73 -2.08 -22.22
CA GLY A 519 -18.57 -1.94 -23.08
C GLY A 519 -17.54 -3.00 -22.74
N THR A 520 -16.76 -3.38 -23.74
CA THR A 520 -15.74 -4.42 -23.56
C THR A 520 -14.52 -4.07 -24.38
N GLY A 521 -13.37 -4.57 -23.97
CA GLY A 521 -12.16 -4.28 -24.70
C GLY A 521 -10.92 -4.98 -24.18
N VAL A 522 -9.79 -4.66 -24.79
CA VAL A 522 -8.50 -5.21 -24.41
C VAL A 522 -7.50 -4.08 -24.29
N GLY A 523 -6.37 -4.34 -23.63
CA GLY A 523 -5.38 -3.30 -23.45
C GLY A 523 -3.98 -3.77 -23.12
N VAL A 524 -3.08 -2.79 -23.03
CA VAL A 524 -1.69 -3.02 -22.66
C VAL A 524 -1.40 -2.20 -21.40
N ARG A 525 -0.53 -2.73 -20.54
CA ARG A 525 -0.04 -1.99 -19.39
C ARG A 525 1.48 -2.10 -19.35
N TRP A 526 2.14 -0.98 -19.09
CA TRP A 526 3.59 -0.93 -19.03
C TRP A 526 4.05 -0.23 -17.76
N GLU A 527 4.80 -0.95 -16.93
CA GLU A 527 5.40 -0.35 -15.74
C GLU A 527 6.61 0.48 -16.17
N SER A 528 6.33 1.63 -16.77
CA SER A 528 7.38 2.50 -17.27
C SER A 528 8.13 3.14 -16.10
N PRO A 529 9.31 3.71 -16.36
CA PRO A 529 10.11 4.39 -15.32
C PRO A 529 9.33 5.46 -14.57
N VAL A 530 8.42 6.13 -15.26
CA VAL A 530 7.66 7.24 -14.68
C VAL A 530 6.30 6.78 -14.13
N GLY A 531 6.14 5.48 -13.97
CA GLY A 531 4.90 4.91 -13.44
C GLY A 531 4.11 4.16 -14.51
N PRO A 532 3.02 3.50 -14.09
CA PRO A 532 2.21 2.68 -15.00
C PRO A 532 1.54 3.48 -16.13
N ILE A 533 1.73 3.02 -17.37
CA ILE A 533 1.09 3.59 -18.55
C ILE A 533 0.12 2.54 -19.09
N LYS A 534 -1.12 2.94 -19.31
N LYS A 534 -1.13 2.94 -19.30
N LYS A 534 -1.13 2.94 -19.30
CA LYS A 534 -2.15 2.03 -19.81
CA LYS A 534 -2.13 2.03 -19.84
CA LYS A 534 -2.14 2.03 -19.82
C LYS A 534 -2.60 2.42 -21.22
C LYS A 534 -2.56 2.42 -21.24
C LYS A 534 -2.58 2.42 -21.23
N LEU A 535 -3.05 1.43 -21.99
CA LEU A 535 -3.58 1.65 -23.32
C LEU A 535 -4.75 0.71 -23.50
N ASP A 536 -5.95 1.27 -23.66
CA ASP A 536 -7.16 0.47 -23.82
C ASP A 536 -7.84 0.73 -25.15
N PHE A 537 -8.34 -0.33 -25.78
CA PHE A 537 -9.26 -0.24 -26.90
C PHE A 537 -10.57 -0.82 -26.42
N ALA A 538 -11.69 -0.22 -26.81
CA ALA A 538 -12.99 -0.66 -26.31
C ALA A 538 -14.14 -0.35 -27.25
N VAL A 539 -15.15 -1.23 -27.25
CA VAL A 539 -16.34 -1.06 -28.08
C VAL A 539 -17.61 -1.25 -27.25
N PRO A 540 -18.71 -0.59 -27.67
CA PRO A 540 -20.01 -0.85 -27.04
C PRO A 540 -20.57 -2.22 -27.45
N VAL A 541 -21.18 -2.94 -26.51
CA VAL A 541 -21.68 -4.28 -26.75
C VAL A 541 -23.19 -4.31 -26.99
N ALA A 542 -23.60 -4.93 -28.09
CA ALA A 542 -25.01 -5.15 -28.39
C ALA A 542 -25.82 -3.86 -28.33
N ASP A 543 -25.35 -2.85 -29.05
CA ASP A 543 -26.01 -1.55 -29.09
C ASP A 543 -26.21 -1.10 -30.53
N LYS A 544 -27.46 -1.18 -30.99
CA LYS A 544 -27.80 -0.82 -32.36
C LYS A 544 -27.57 0.66 -32.64
N ASP A 545 -27.47 1.46 -31.58
CA ASP A 545 -27.36 2.92 -31.72
C ASP A 545 -25.91 3.40 -31.64
N GLU A 546 -25.04 2.61 -31.04
CA GLU A 546 -23.65 3.00 -30.85
C GLU A 546 -22.68 1.95 -31.40
N HIS A 547 -21.71 2.43 -32.17
CA HIS A 547 -20.73 1.59 -32.83
C HIS A 547 -19.38 2.25 -32.73
N GLY A 548 -18.33 1.50 -33.05
CA GLY A 548 -17.01 2.08 -33.22
C GLY A 548 -16.11 2.00 -32.01
N LEU A 549 -14.82 1.91 -32.30
CA LEU A 549 -13.78 1.75 -31.30
C LEU A 549 -13.47 3.07 -30.61
N GLN A 550 -13.35 3.03 -29.29
CA GLN A 550 -12.75 4.11 -28.51
C GLN A 550 -11.42 3.60 -28.00
N PHE A 551 -10.41 4.44 -27.97
CA PHE A 551 -9.18 4.07 -27.27
C PHE A 551 -8.69 5.18 -26.35
N TYR A 552 -7.90 4.78 -25.37
CA TYR A 552 -7.49 5.64 -24.29
C TYR A 552 -6.03 5.35 -24.01
N ILE A 553 -5.26 6.40 -23.72
CA ILE A 553 -3.88 6.22 -23.30
C ILE A 553 -3.53 7.26 -22.25
N GLY A 554 -2.85 6.81 -21.20
CA GLY A 554 -2.47 7.70 -20.12
C GLY A 554 -1.82 6.96 -18.97
N LEU A 555 -1.74 7.65 -17.83
CA LEU A 555 -1.03 7.17 -16.66
C LEU A 555 -2.03 6.81 -15.55
N GLY A 556 -3.19 6.30 -15.97
CA GLY A 556 -4.29 5.96 -15.06
C GLY A 556 -3.87 5.29 -13.76
N PRO A 557 -4.52 5.66 -12.63
CA PRO A 557 -4.06 5.24 -11.31
C PRO A 557 -4.69 3.94 -10.80
N GLU A 558 -5.81 3.57 -11.40
CA GLU A 558 -6.61 2.41 -10.98
C GLU A 558 -7.30 2.62 -9.62
N LEU A 559 -6.52 2.74 -8.55
CA LEU A 559 -7.11 2.95 -7.23
C LEU A 559 -7.72 4.35 -7.11
C1 MC3 B . -10.08 25.62 -23.62
C2 MC3 B . -9.02 24.58 -23.37
C3 MC3 B . -8.90 23.61 -24.51
C4 MC3 B . -13.02 25.15 -25.14
C5 MC3 B . -14.30 24.49 -25.58
C6 MC3 B . -14.62 24.80 -28.01
C7 MC3 B . -15.30 22.71 -26.95
C8 MC3 B . -12.93 23.22 -27.19
C11 MC3 B . -7.59 21.70 -25.12
C12 MC3 B . -6.72 20.59 -24.58
C13 MC3 B . -5.23 20.94 -24.77
C14 MC3 B . -4.78 22.11 -23.91
C15 MC3 B . -3.70 21.77 -22.89
C16 MC3 B . -3.08 22.99 -22.21
C17 MC3 B . -2.15 22.67 -21.05
C18 MC3 B . -1.49 23.91 -20.45
C19 MC3 B . -0.41 23.62 -19.40
C20 MC3 B . -0.91 22.93 -18.14
C21 MC3 B . -0.53 23.62 -16.85
C22 MC3 B . 0.96 23.60 -16.53
C23 MC3 B . 1.29 24.16 -15.15
C24 MC3 B . 2.77 24.28 -14.89
C31 MC3 B . -7.52 25.68 -21.92
C32 MC3 B . -6.14 26.22 -21.79
C33 MC3 B . -5.83 26.45 -20.32
C34 MC3 B . -4.44 27.00 -20.16
C35 MC3 B . -4.07 27.39 -18.75
C36 MC3 B . -2.81 28.24 -18.66
C37 MC3 B . -1.98 27.97 -17.43
C38 MC3 B . -2.66 28.33 -16.13
C39 MC3 B . -2.24 27.46 -14.97
C40 MC3 B . -2.67 27.97 -13.62
C41 MC3 B . -2.70 26.91 -12.53
C42 MC3 B . -1.47 26.04 -12.48
C43 MC3 B . -1.34 25.22 -11.23
C44 MC3 B . -0.26 24.17 -11.30
N MC3 B . -14.28 23.81 -26.93
O2 MC3 B . -7.74 25.11 -23.13
O3 MC3 B . -8.07 22.51 -24.12
O11 MC3 B . -7.88 21.90 -26.28
O31 MC3 B . -8.39 25.72 -21.08
O1P MC3 B . -10.74 27.80 -26.73
O2P MC3 B . -11.90 27.78 -24.31
O3P MC3 B . -10.09 26.08 -24.94
O4P MC3 B . -12.59 26.14 -25.97
P MC3 B . -11.21 27.15 -25.47
H11 MC3 B . -11.07 25.25 -23.35
H12 MC3 B . -9.90 26.48 -22.98
H2 MC3 B . -9.35 23.97 -22.52
H31 MC3 B . -9.87 23.22 -24.81
H32 MC3 B . -8.48 24.12 -25.37
H41 MC3 B . -13.25 25.59 -24.16
H42 MC3 B . -12.27 24.40 -24.93
H51 MC3 B . -14.61 23.76 -24.84
H52 MC3 B . -15.10 25.24 -25.58
H61 MC3 B . -14.61 24.33 -28.99
H62 MC3 B . -15.60 25.23 -27.86
H63 MC3 B . -13.92 25.63 -28.05
H71 MC3 B . -15.23 22.11 -27.85
H72 MC3 B . -15.17 22.02 -26.12
H73 MC3 B . -16.31 23.10 -26.89
H81 MC3 B . -12.93 22.57 -28.06
H82 MC3 B . -12.20 24.01 -27.43
H83 MC3 B . -12.55 22.65 -26.35
H121 MC3 B . -6.96 20.44 -23.52
H122 MC3 B . -6.97 19.65 -25.07
H131 MC3 B . -4.62 20.07 -24.56
H132 MC3 B . -5.04 21.17 -25.82
H141 MC3 B . -4.43 22.93 -24.54
H142 MC3 B . -5.64 22.54 -23.38
H151 MC3 B . -4.11 21.10 -22.13
H152 MC3 B . -2.92 21.18 -23.37
H161 MC3 B . -2.55 23.58 -22.95
H162 MC3 B . -3.88 23.65 -21.87
H171 MC3 B . -2.70 22.14 -20.28
H172 MC3 B . -1.38 21.97 -21.37
H181 MC3 B . -1.08 24.52 -21.25
H182 MC3 B . -2.26 24.55 -20.01
H191 MC3 B . 0.38 23.03 -19.86
H192 MC3 B . 0.07 24.56 -19.14
H201 MC3 B . -1.99 22.83 -18.20
H202 MC3 B . -0.54 21.90 -18.14
H211 MC3 B . -0.87 24.66 -16.88
H212 MC3 B . -1.09 23.18 -16.02
H221 MC3 B . 1.32 22.58 -16.60
H222 MC3 B . 1.50 24.14 -17.29
H231 MC3 B . 0.81 25.13 -15.03
H232 MC3 B . 0.83 23.55 -14.39
H241 MC3 B . 3.28 23.32 -14.94
H242 MC3 B . 3.26 24.94 -15.61
H243 MC3 B . 2.97 24.69 -13.90
H321 MC3 B . -5.43 25.51 -22.23
H322 MC3 B . -6.04 27.13 -22.37
H331 MC3 B . -6.56 27.13 -19.89
H332 MC3 B . -5.94 25.53 -19.76
H341 MC3 B . -3.72 26.29 -20.54
H342 MC3 B . -4.31 27.87 -20.81
H351 MC3 B . -4.90 27.91 -18.28
H352 MC3 B . -3.94 26.48 -18.14
H361 MC3 B . -2.21 28.07 -19.56
H362 MC3 B . -3.09 29.29 -18.71
H371 MC3 B . -1.69 26.93 -17.41
H372 MC3 B . -1.04 28.52 -17.52
H381 MC3 B . -2.47 29.38 -15.88
H382 MC3 B . -3.74 28.29 -16.26
H391 MC3 B . -2.65 26.46 -15.12
H392 MC3 B . -1.16 27.32 -14.99
H401 MC3 B . -2.01 28.79 -13.31
H402 MC3 B . -3.65 28.44 -13.70
H411 MC3 B . -2.84 27.40 -11.57
H412 MC3 B . -3.59 26.30 -12.66
H421 MC3 B . -1.46 25.37 -13.36
H422 MC3 B . -0.58 26.65 -12.62
H431 MC3 B . -1.16 25.88 -10.38
H432 MC3 B . -2.30 24.75 -10.99
H441 MC3 B . -0.45 23.45 -12.11
H442 MC3 B . 0.71 24.60 -11.47
H443 MC3 B . -0.19 23.59 -10.38
C1 MC3 C . 4.39 33.12 8.94
C2 MC3 C . 2.95 33.07 8.50
C3 MC3 C . 2.08 33.84 9.46
C4 MC3 C . 7.96 33.00 9.46
C5 MC3 C . 9.14 32.15 9.86
C6 MC3 C . 10.91 33.87 9.77
C7 MC3 C . 11.25 31.83 11.07
C8 MC3 C . 9.67 33.52 11.85
C11 MC3 C . 0.35 32.27 9.84
C12 MC3 C . -1.08 31.98 9.55
C13 MC3 C . -1.22 31.84 8.03
C14 MC3 C . -2.60 32.21 7.56
C15 MC3 C . -3.68 31.26 8.03
C16 MC3 C . -4.99 31.40 7.29
C17 MC3 C . -4.85 31.24 5.79
C18 MC3 C . -6.05 30.61 5.10
C19 MC3 C . -5.97 30.67 3.60
C20 MC3 C . -7.10 29.94 2.89
C21 MC3 C . -7.30 30.40 1.46
C22 MC3 C . -8.47 29.75 0.75
C23 MC3 C . -8.08 28.61 -0.16
C24 MC3 C . -9.23 28.07 -0.95
C31 MC3 C . 2.06 32.77 6.25
C32 MC3 C . 1.85 33.47 4.93
C33 MC3 C . 1.41 32.46 3.86
C34 MC3 C . -0.08 32.14 3.83
C35 MC3 C . -0.72 32.33 2.45
C36 MC3 C . -2.00 31.56 2.22
C37 MC3 C . -2.58 31.76 0.82
C38 MC3 C . -4.00 31.26 0.64
C39 MC3 C . -4.69 31.74 -0.63
C40 MC3 C . -4.47 30.86 -1.85
C41 MC3 C . -5.22 31.33 -3.09
C42 MC3 C . -6.68 30.91 -3.13
C43 MC3 C . -7.49 31.63 -4.20
C44 MC3 C . -8.89 31.10 -4.35
N MC3 C . 10.24 32.85 10.63
O2 MC3 C . 2.69 33.58 7.19
O3 MC3 C . 0.74 33.45 9.28
O11 MC3 C . 1.12 31.58 10.50
O31 MC3 C . 1.74 31.61 6.50
O1P MC3 C . 6.32 30.74 9.94
O2P MC3 C . 5.91 32.02 12.27
O3P MC3 C . 4.51 32.55 10.21
O4P MC3 C . 7.08 33.15 10.48
P MC3 C . 5.89 31.88 10.79
H11 MC3 C . 5.05 32.60 8.24
H12 MC3 C . 4.74 34.14 8.99
H2 MC3 C . 2.63 32.05 8.57
H31 MC3 C . 2.35 33.64 10.49
H32 MC3 C . 2.20 34.91 9.28
H41 MC3 C . 8.37 33.96 9.18
H42 MC3 C . 7.48 32.61 8.56
H51 MC3 C . 8.80 31.30 10.44
H52 MC3 C . 9.59 31.72 8.95
H61 MC3 C . 11.98 33.93 9.98
H62 MC3 C . 10.79 33.64 8.72
H63 MC3 C . 10.51 34.87 9.91
H71 MC3 C . 11.75 31.36 10.23
H72 MC3 C . 12.04 32.27 11.68
H73 MC3 C . 10.80 31.04 11.66
H81 MC3 C . 10.45 33.88 12.52
H82 MC3 C . 9.09 34.40 11.58
H83 MC3 C . 9.03 32.86 12.43
H121 MC3 C . -1.38 31.08 10.09
H122 MC3 C . -1.71 32.78 9.94
H131 MC3 C . -0.47 32.45 7.54
H132 MC3 C . -0.98 30.82 7.73
H141 MC3 C . -2.83 33.22 7.87
H142 MC3 C . -2.61 32.26 6.47
H151 MC3 C . -3.32 30.23 7.96
H152 MC3 C . -3.85 31.41 9.10
H161 MC3 C . -5.70 30.65 7.66
H162 MC3 C . -5.45 32.36 7.52
H171 MC3 C . -4.65 32.21 5.34
H172 MC3 C . -3.96 30.65 5.57
H181 MC3 C . -6.15 29.58 5.44
H182 MC3 C . -6.96 31.10 5.45
H191 MC3 C . -5.95 31.70 3.27
H192 MC3 C . -5.01 30.26 3.27
H201 MC3 C . -6.92 28.87 2.91
H202 MC3 C . -8.03 30.08 3.45
H211 MC3 C . -7.41 31.48 1.44
H212 MC3 C . -6.39 30.21 0.90
H221 MC3 C . -9.19 29.39 1.49
H222 MC3 C . -9.02 30.51 0.19
H231 MC3 C . -7.29 28.95 -0.84
H232 MC3 C . -7.60 27.83 0.42
H241 MC3 C . -8.93 27.25 -1.61
H242 MC3 C . -10.01 27.68 -0.29
H243 MC3 C . -9.68 28.82 -1.57
H321 MC3 C . 1.09 34.25 5.05
H322 MC3 C . 2.76 33.99 4.64
H331 MC3 C . 1.73 32.81 2.88
H332 MC3 C . 1.97 31.52 3.99
H341 MC3 C . -0.26 31.14 4.19
H342 MC3 C . -0.60 32.78 4.56
H351 MC3 C . -0.90 33.39 2.29
H352 MC3 C . 0.01 32.07 1.69
H361 MC3 C . -1.83 30.50 2.40
H362 MC3 C . -2.75 31.84 2.96
H371 MC3 C . -2.53 32.82 0.55
H372 MC3 C . -1.94 31.26 0.09
H381 MC3 C . -4.01 30.17 0.68
H382 MC3 C . -4.59 31.56 1.51
H391 MC3 C . -5.76 31.83 -0.45
H392 MC3 C . -4.36 32.75 -0.86
H401 MC3 C . -3.40 30.79 -2.07
H402 MC3 C . -4.75 29.83 -1.62
H411 MC3 C . -5.15 32.41 -3.15
H412 MC3 C . -4.71 30.98 -3.98
H421 MC3 C . -6.75 29.84 -3.30
H422 MC3 C . -7.14 31.07 -2.16
H431 MC3 C . -7.52 32.70 -3.97
H432 MC3 C . -6.97 31.59 -5.15
H441 MC3 C . -8.90 30.04 -4.64
H442 MC3 C . -9.47 31.18 -3.44
H443 MC3 C . -9.45 31.64 -5.12
C1 MC3 D . -27.67 -5.84 -19.24
C2 MC3 D . -26.68 -6.89 -18.84
C3 MC3 D . -25.57 -7.03 -19.85
C11 MC3 D . -23.45 -7.86 -20.18
C12 MC3 D . -22.21 -8.50 -19.60
C13 MC3 D . -22.22 -8.59 -18.05
C14 MC3 D . -21.80 -7.30 -17.37
C15 MC3 D . -20.71 -7.46 -16.32
C16 MC3 D . -20.77 -6.44 -15.19
C17 MC3 D . -19.60 -6.44 -14.22
C18 MC3 D . -20.02 -6.07 -12.79
C19 MC3 D . -18.87 -5.65 -11.88
C20 MC3 D . -19.26 -5.52 -10.41
C21 MC3 D . -18.09 -5.20 -9.49
C22 MC3 D . -18.50 -4.72 -8.10
C23 MC3 D . -17.36 -4.17 -7.27
C24 MC3 D . -17.81 -3.57 -5.97
C31 MC3 D . -26.51 -6.06 -16.50
C32 MC3 D . -25.48 -6.10 -15.41
C33 MC3 D . -25.19 -4.71 -14.84
C34 MC3 D . -24.16 -4.88 -13.74
C35 MC3 D . -23.66 -3.60 -13.10
C36 MC3 D . -23.63 -3.69 -11.59
C37 MC3 D . -22.58 -2.83 -10.91
C38 MC3 D . -22.89 -2.57 -9.44
C39 MC3 D . -21.66 -2.49 -8.54
C40 MC3 D . -21.55 -1.21 -7.72
C41 MC3 D . -21.34 -1.45 -6.23
C42 MC3 D . -20.42 -0.43 -5.57
C43 MC3 D . -20.24 -0.64 -4.08
C44 MC3 D . -19.36 0.40 -3.44
O2 MC3 D . -25.99 -6.69 -17.61
O3 MC3 D . -24.43 -7.65 -19.28
O11 MC3 D . -23.60 -7.53 -21.34
O31 MC3 D . -27.62 -5.58 -16.45
O1P MC3 D . -30.26 -7.18 -20.81
O2P MC3 D . -30.33 -4.48 -20.86
O3P MC3 D . -28.09 -5.81 -20.59
O4P MC3 D . -29.55 -5.68 -22.80
P MC3 D . -29.69 -5.83 -21.05
H11 MC3 D . -28.56 -5.90 -18.62
H12 MC3 D . -27.26 -4.85 -19.02
H2 MC3 D . -27.19 -7.85 -18.84
H31 MC3 D . -25.89 -7.64 -20.69
H32 MC3 D . -25.32 -6.04 -20.23
H121 MC3 D . -22.12 -9.50 -20.05
H122 MC3 D . -21.33 -7.96 -19.95
H131 MC3 D . -23.22 -8.88 -17.72
H132 MC3 D . -21.58 -9.40 -17.72
H141 MC3 D . -21.48 -6.58 -18.12
H142 MC3 D . -22.67 -6.83 -16.90
H151 MC3 D . -20.77 -8.47 -15.89
H152 MC3 D . -19.73 -7.44 -16.80
H161 MC3 D . -20.86 -5.44 -15.64
H162 MC3 D . -21.70 -6.56 -14.64
H171 MC3 D . -19.12 -7.42 -14.22
H172 MC3 D . -18.83 -5.76 -14.57
H181 MC3 D . -20.75 -5.27 -12.83
H182 MC3 D . -20.55 -6.91 -12.35
H191 MC3 D . -18.05 -6.36 -11.98
H192 MC3 D . -18.45 -4.71 -12.23
H201 MC3 D . -20.03 -4.76 -10.30
H202 MC3 D . -19.74 -6.43 -10.08
H211 MC3 D . -17.45 -6.09 -9.39
H212 MC3 D . -17.45 -4.46 -9.96
H221 MC3 D . -19.28 -3.97 -8.19
H222 MC3 D . -18.98 -5.54 -7.56
H231 MC3 D . -16.63 -4.96 -7.09
H232 MC3 D . -16.81 -3.44 -7.85
H241 MC3 D . -18.32 -4.29 -5.33
H242 MC3 D . -16.97 -3.17 -5.38
H243 MC3 D . -18.49 -2.74 -6.12
H321 MC3 D . -24.57 -6.54 -15.80
H322 MC3 D . -25.81 -6.77 -14.63
H331 MC3 D . -26.09 -4.24 -14.46
H332 MC3 D . -24.82 -4.04 -15.62
H341 MC3 D . -24.57 -5.53 -12.97
H342 MC3 D . -23.30 -5.44 -14.13
H351 MC3 D . -22.67 -3.36 -13.48
H352 MC3 D . -24.28 -2.77 -13.41
H361 MC3 D . -24.61 -3.43 -11.20
H362 MC3 D . -23.49 -4.72 -11.29
H371 MC3 D . -21.60 -3.28 -11.02
H372 MC3 D . -22.49 -1.87 -11.44
H381 MC3 D . -23.47 -1.66 -9.35
H382 MC3 D . -23.56 -3.34 -9.08
H391 MC3 D . -21.67 -3.35 -7.87
H392 MC3 D . -20.77 -2.62 -9.15
H401 MC3 D . -20.74 -0.60 -8.11
H402 MC3 D . -22.44 -0.61 -7.87
H411 MC3 D . -22.30 -1.44 -5.72
H412 MC3 D . -20.95 -2.45 -6.07
H421 MC3 D . -19.44 -0.46 -6.05
H422 MC3 D . -20.79 0.58 -5.77
H431 MC3 D . -21.22 -0.63 -3.60
H432 MC3 D . -19.86 -1.63 -3.89
H441 MC3 D . -18.36 0.39 -3.87
H442 MC3 D . -19.74 1.41 -3.57
H443 MC3 D . -19.24 0.25 -2.38
C11 MC3 E . -7.30 27.17 -15.77
C12 MC3 E . -8.69 27.32 -16.39
C13 MC3 E . -9.78 27.34 -15.33
C14 MC3 E . -11.13 27.82 -15.84
C15 MC3 E . -12.10 28.21 -14.73
C16 MC3 E . -13.23 29.12 -15.19
C17 MC3 E . -14.04 29.71 -14.05
C18 MC3 E . -14.99 30.81 -14.47
C19 MC3 E . -15.64 31.53 -13.30
C20 MC3 E . -16.47 32.74 -13.69
H121 MC3 E . -8.89 26.51 -17.09
H122 MC3 E . -8.74 28.23 -17.00
H131 MC3 E . -9.46 27.98 -14.50
H132 MC3 E . -9.88 26.36 -14.89
H141 MC3 E . -11.57 27.05 -16.46
H142 MC3 E . -10.99 28.67 -16.51
H151 MC3 E . -11.56 28.68 -13.92
H152 MC3 E . -12.52 27.30 -14.29
H161 MC3 E . -13.88 28.58 -15.86
H162 MC3 E . -12.81 29.92 -15.80
H171 MC3 E . -13.36 30.08 -13.28
H172 MC3 E . -14.59 28.92 -13.55
H181 MC3 E . -15.76 30.40 -15.12
H182 MC3 E . -14.46 31.54 -15.09
H191 MC3 E . -14.88 31.84 -12.59
H192 MC3 E . -16.26 30.83 -12.74
H201 MC3 E . -16.57 33.40 -12.84
H202 MC3 E . -17.49 32.42 -13.91
H111 MC3 E . -6.62 26.66 -16.45
H112 MC3 E . -6.84 28.14 -15.57
C1 MC3 F . 11.74 -1.03 -23.29
C2 MC3 F . 11.72 0.28 -24.04
C3 MC3 F . 10.41 0.99 -23.87
C31 MC3 F . 13.99 0.90 -24.19
O2 MC3 F . 12.77 1.15 -23.65
O1P MC3 F . 10.83 -1.70 -19.62
O2P MC3 F . 11.15 -3.38 -21.69
O3P MC3 F . 11.65 -0.87 -21.91
O4P MC3 F . 13.06 -2.44 -20.23
P MC3 F . 11.45 -2.16 -20.90
H11 MC3 F . 10.90 -1.65 -23.60
H12 MC3 F . 12.64 -1.60 -23.53
H2 MC3 F . 11.79 0.04 -25.10
H31 MC3 F . 9.66 0.53 -24.52
H32 MC3 F . 10.50 2.03 -24.17
C1 MC3 G . 6.15 12.57 -16.07
C2 MC3 G . 5.45 12.57 -17.40
C3 MC3 G . 4.69 11.30 -17.67
C11 MC3 G . 2.38 11.01 -18.52
C12 MC3 G . 2.91 10.13 -19.65
C13 MC3 G . 1.72 9.69 -20.53
C14 MC3 G . 2.16 9.06 -21.86
C15 MC3 G . 1.13 9.13 -22.98
C16 MC3 G . 0.72 10.55 -23.37
C17 MC3 G . 0.14 10.70 -24.77
C18 MC3 G . -0.54 12.05 -24.97
C19 MC3 G . -0.73 12.49 -26.43
C20 MC3 G . -1.54 13.78 -26.54
C21 MC3 G . -1.34 14.57 -27.83
C22 MC3 G . -2.42 14.37 -28.88
C23 MC3 G . -2.76 15.64 -29.65
C24 MC3 G . -3.92 15.47 -30.60
C31 MC3 G . 4.95 14.62 -18.47
O2 MC3 G . 4.56 13.68 -17.57
O3 MC3 G . 3.29 11.54 -17.62
O11 MC3 G . 1.20 11.27 -18.35
O1P MC3 G . 4.93 11.55 -12.55
O2P MC3 G . 7.40 12.00 -13.52
O3P MC3 G . 5.31 12.32 -14.98
O4P MC3 G . 5.74 13.83 -12.79
P MC3 G . 5.94 12.20 -13.45
H11 MC3 G . 6.92 11.80 -16.07
H12 MC3 G . 6.67 13.50 -15.89
H2 MC3 G . 6.22 12.62 -18.17
H31 MC3 G . 4.98 10.93 -18.66
H32 MC3 G . 4.93 10.54 -16.94
H121 MC3 G . 3.64 10.70 -20.23
H131 MC3 G . 1.06 10.53 -20.73
H132 MC3 G . 1.10 8.98 -19.97
H141 MC3 G . 3.09 9.55 -22.18
H142 MC3 G . 2.45 8.03 -21.68
H151 MC3 G . 0.25 8.56 -22.69
H152 MC3 G . 1.52 8.61 -23.85
H161 MC3 G . 1.58 11.20 -23.27
H162 MC3 G . 0.01 10.93 -22.64
H171 MC3 G . -0.58 9.91 -24.95
H172 MC3 G . 0.92 10.55 -25.52
H181 MC3 G . 0.04 12.81 -24.44
H182 MC3 G . -1.50 12.05 -24.47
H191 MC3 G . -1.23 11.70 -26.98
H192 MC3 G . 0.23 12.61 -26.91
H201 MC3 G . -1.31 14.42 -25.69
H202 MC3 G . -2.59 13.55 -26.41
H211 MC3 G . -0.37 14.33 -28.26
H212 MC3 G . -1.27 15.63 -27.59
H221 MC3 G . -2.12 13.59 -29.58
H222 MC3 G . -3.32 13.97 -28.42
H231 MC3 G . -1.88 15.98 -30.19
H232 MC3 G . -2.98 16.44 -28.95
H241 MC3 G . -4.84 15.18 -30.08
H242 MC3 G . -4.16 16.40 -31.13
H243 MC3 G . -3.73 14.70 -31.35
C1 MC3 H . -13.04 2.11 11.87
C2 MC3 H . -13.58 2.58 10.54
C3 MC3 H . -14.51 1.57 9.91
C11 MC3 H . -16.10 1.63 8.19
C31 MC3 H . -15.23 4.33 11.29
C32 MC3 H . -15.90 3.30 12.13
O2 MC3 H . -14.13 3.91 10.55
O3 MC3 H . -14.85 1.96 8.59
O31 MC3 H . -15.56 5.50 11.21
O1P MC3 H . -9.46 0.83 12.48
O2P MC3 H . -11.00 2.05 14.32
O3P MC3 H . -11.64 2.00 11.83
O4P MC3 H . -11.47 -0.27 13.29
P MC3 H . -10.76 1.32 13.04
H11 MC3 H . -13.30 2.81 12.65
H12 MC3 H . -13.47 1.15 12.16
H2 MC3 H . -12.72 2.57 9.87
H31 MC3 H . -15.40 1.48 10.53
H32 MC3 H . -14.05 0.59 9.87
H321 MC3 H . -16.37 3.78 13.00
H322 MC3 H . -16.72 2.84 11.58
C1 MC3 I . -3.69 -24.51 -10.14
C2 MC3 I . -3.32 -23.87 -11.44
C3 MC3 I . -2.06 -24.50 -12.02
C11 MC3 I . 0.08 -23.55 -11.10
C12 MC3 I . 0.12 -22.48 -12.16
C13 MC3 I . -0.83 -21.34 -11.80
C14 MC3 I . -1.81 -21.02 -12.92
C15 MC3 I . -2.82 -19.95 -12.57
C16 MC3 I . -3.77 -19.62 -13.70
C17 MC3 I . -4.79 -18.55 -13.36
C18 MC3 I . -5.70 -18.19 -14.51
C19 MC3 I . -6.83 -17.26 -14.15
C20 MC3 I . -7.67 -16.82 -15.33
C21 MC3 I . -8.93 -16.07 -14.98
C22 MC3 I . -9.71 -15.58 -16.18
C23 MC3 I . -11.01 -14.86 -15.84
C24 MC3 I . -11.69 -14.30 -17.06
C31 MC3 I . -5.37 -23.02 -12.30
C32 MC3 I . -6.42 -23.19 -13.37
C33 MC3 I . -7.25 -21.91 -13.46
C34 MC3 I . -8.50 -22.12 -14.29
C35 MC3 I . -9.31 -20.85 -14.54
C36 MC3 I . -10.56 -21.10 -15.38
C37 MC3 I . -11.07 -19.87 -16.10
C38 MC3 I . -12.04 -20.20 -17.22
C39 MC3 I . -12.43 -19.01 -18.09
C40 MC3 I . -13.33 -19.38 -19.25
C41 MC3 I . -13.73 -18.21 -20.13
C42 MC3 I . -14.70 -18.57 -21.25
C43 MC3 I . -15.09 -17.40 -22.13
C44 MC3 I . -16.10 -17.78 -23.19
O2 MC3 I . -4.35 -23.94 -12.41
O3 MC3 I . -0.97 -24.46 -11.09
O11 MC3 I . 0.91 -23.67 -10.24
O31 MC3 I . -5.37 -22.19 -11.40
O3P MC3 I . -2.87 -24.14 -9.08
H11 MC3 I . -4.72 -24.25 -9.89
H12 MC3 I . -3.69 -25.61 -10.23
H2 MC3 I . -3.05 -22.84 -11.24
H31 MC3 I . -2.29 -25.52 -12.32
H32 MC3 I . -1.75 -23.97 -12.92
H121 MC3 I . -0.14 -22.91 -13.13
H122 MC3 I . 1.15 -22.12 -12.26
H131 MC3 I . -0.26 -20.45 -11.53
H132 MC3 I . -1.38 -21.60 -10.89
H141 MC3 I . -2.33 -21.93 -13.21
H142 MC3 I . -1.25 -20.72 -13.80
H151 MC3 I . -2.30 -19.04 -12.25
H152 MC3 I . -3.38 -20.25 -11.68
H161 MC3 I . -4.29 -20.53 -14.02
H162 MC3 I . -3.20 -19.31 -14.57
H171 MC3 I . -5.40 -18.88 -12.51
H172 MC3 I . -4.29 -17.67 -12.99
H181 MC3 I . -6.10 -19.10 -14.95
H182 MC3 I . -5.11 -17.74 -15.31
H191 MC3 I . -6.43 -16.38 -13.64
H192 MC3 I . -7.48 -17.73 -13.40
H201 MC3 I . -7.92 -17.69 -15.94
H202 MC3 I . -7.06 -16.22 -16.00
H211 MC3 I . -8.68 -15.22 -14.34
H212 MC3 I . -9.56 -16.69 -14.35
H221 MC3 I . -9.92 -16.42 -16.84
H222 MC3 I . -9.09 -14.92 -16.78
H231 MC3 I . -10.81 -14.07 -15.12
H232 MC3 I . -11.67 -15.55 -15.31
H241 MC3 I . -11.96 -15.09 -17.78
H242 MC3 I . -12.63 -13.80 -16.80
H243 MC3 I . -11.08 -13.59 -17.59
H321 MC3 I . -5.94 -23.42 -14.32
H322 MC3 I . -7.04 -24.05 -13.14
H331 MC3 I . -7.52 -21.55 -12.46
H332 MC3 I . -6.66 -21.09 -13.88
H341 MC3 I . -8.24 -22.58 -15.24
H342 MC3 I . -9.14 -22.86 -13.81
H351 MC3 I . -9.60 -20.40 -13.59
H352 MC3 I . -8.69 -20.11 -15.02
H361 MC3 I . -10.36 -21.89 -16.10
H362 MC3 I . -11.34 -21.49 -14.75
H371 MC3 I . -11.54 -19.20 -15.40
H372 MC3 I . -10.23 -19.30 -16.51
H381 MC3 I . -11.63 -20.98 -17.85
H382 MC3 I . -12.95 -20.65 -16.79
H391 MC3 I . -12.91 -18.26 -17.48
H392 MC3 I . -11.53 -18.53 -18.47
H401 MC3 I . -12.86 -20.14 -19.86
H402 MC3 I . -14.24 -19.87 -18.87
H411 MC3 I . -14.17 -17.42 -19.52
H412 MC3 I . -12.84 -17.76 -20.55
H421 MC3 I . -14.26 -19.37 -21.85
H422 MC3 I . -15.59 -19.03 -20.82
H431 MC3 I . -15.48 -16.59 -21.52
H432 MC3 I . -14.20 -16.99 -22.60
H441 MC3 I . -17.02 -18.17 -22.76
H442 MC3 I . -16.37 -16.94 -23.81
H443 MC3 I . -15.73 -18.57 -23.86
C1 MC3 J . -12.89 17.53 21.03
C2 MC3 J . -14.20 17.76 20.32
C3 MC3 J . -15.10 18.66 21.12
C31 MC3 J . -15.06 18.21 18.13
C32 MC3 J . -14.69 18.84 16.81
C33 MC3 J . -15.96 19.19 16.01
C34 MC3 J . -15.59 19.94 14.75
C35 MC3 J . -16.77 20.22 13.83
C36 MC3 J . -16.36 20.70 12.45
O2 MC3 J . -14.03 18.29 19.02
O31 MC3 J . -16.12 17.69 18.42
H11 MC3 J . -12.08 17.99 20.46
H2 MC3 J . -14.72 16.80 20.28
H31 MC3 J . -14.53 19.11 21.93
H32 MC3 J . -15.47 19.47 20.50
H321 MC3 J . -14.07 19.71 16.98
H322 MC3 J . -14.07 18.14 16.25
H331 MC3 J . -16.52 18.29 15.78
H332 MC3 J . -16.63 19.79 16.64
H341 MC3 J . -15.10 20.88 14.99
H342 MC3 J . -14.84 19.38 14.20
H351 MC3 J . -17.39 19.33 13.74
H352 MC3 J . -17.43 20.96 14.30
H361 MC3 J . -17.25 20.88 11.85
H362 MC3 J . -15.85 19.89 11.92
C1 MC3 K . -30.40 34.51 2.95
C2 MC3 K . -29.05 33.84 3.06
C3 MC3 K . -29.10 32.78 4.14
C11 MC3 K . -27.89 31.55 5.74
C12 MC3 K . -26.54 31.26 6.35
C13 MC3 K . -26.73 30.28 7.52
C14 MC3 K . -25.41 29.91 8.18
C15 MC3 K . -25.56 29.37 9.59
C16 MC3 K . -26.19 27.98 9.68
C17 MC3 K . -25.21 26.84 9.97
C31 MC3 K . -27.57 32.79 1.25
C32 MC3 K . -26.46 32.43 2.19
C33 MC3 K . -25.25 31.94 1.35
C34 MC3 K . -24.31 31.04 2.14
C35 MC3 K . -23.05 31.72 2.64
O2 MC3 K . -28.71 33.40 1.73
O3 MC3 K . -27.84 32.48 4.73
O11 MC3 K . -28.95 31.05 6.07
O31 MC3 K . -27.55 32.60 0.04
O1P MC3 K . -31.54 34.75 0.21
O2P MC3 K . -33.73 33.82 1.46
O3P MC3 K . -31.39 33.62 2.53
O4P MC3 K . -31.99 32.37 0.21
P MC3 K . -32.27 33.85 1.14
H11 MC3 K . -30.70 34.90 3.93
H12 MC3 K . -30.36 35.37 2.28
H2 MC3 K . -28.34 34.59 3.42
H31 MC3 K . -29.80 33.10 4.90
H32 MC3 K . -29.48 31.85 3.72
H121 MC3 K . -26.07 32.19 6.68
H122 MC3 K . -25.89 30.84 5.58
H131 MC3 K . -27.24 29.38 7.17
H132 MC3 K . -27.41 30.71 8.25
H141 MC3 K . -24.76 30.78 8.20
H142 MC3 K . -24.88 29.19 7.57
H151 MC3 K . -26.14 30.06 10.18
H152 MC3 K . -24.58 29.35 10.08
H161 MC3 K . -26.71 27.76 8.75
H162 MC3 K . -26.96 27.97 10.44
H171 MC3 K . -25.54 26.30 10.85
H172 MC3 K . -24.24 27.26 10.26
H321 MC3 K . -26.19 33.31 2.80
H322 MC3 K . -26.79 31.68 2.89
H331 MC3 K . -25.61 31.42 0.47
H332 MC3 K . -24.70 32.79 0.96
H341 MC3 K . -24.85 30.61 2.98
H342 MC3 K . -24.04 30.19 1.53
H351 MC3 K . -23.14 31.92 3.70
H352 MC3 K . -22.21 31.04 2.56
C1 MC3 L . -8.03 2.20 -34.64
C2 MC3 L . -6.84 1.29 -34.55
C3 MC3 L . -5.61 2.04 -34.09
C4 MC3 L . -10.20 2.28 -38.08
C5 MC3 L . -10.68 2.95 -39.33
C6 MC3 L . -12.79 1.71 -39.69
C7 MC3 L . -12.47 3.89 -40.72
C8 MC3 L . -12.82 3.72 -38.31
C11 MC3 L . -3.49 1.05 -34.88
C12 MC3 L . -3.42 0.17 -33.64
C13 MC3 L . -2.53 -1.07 -33.92
C14 MC3 L . -1.52 -1.37 -32.83
C15 MC3 L . -2.01 -2.39 -31.81
C16 MC3 L . -0.91 -3.20 -31.12
C17 MC3 L . -0.45 -2.67 -29.78
C18 MC3 L . 0.57 -1.53 -29.85
C19 MC3 L . 1.45 -1.37 -28.62
C20 MC3 L . 2.22 -2.62 -28.25
C21 MC3 L . 3.50 -2.36 -27.46
C22 MC3 L . 4.21 -3.63 -27.05
C31 MC3 L . -6.75 -1.11 -34.14
C32 MC3 L . -7.05 -2.16 -33.11
C33 MC3 L . -5.73 -2.78 -32.64
C34 MC3 L . -5.94 -3.76 -31.50
C35 MC3 L . -4.65 -4.26 -30.87
C36 MC3 L . -4.83 -5.24 -29.73
C37 MC3 L . -3.66 -5.22 -28.76
C38 MC3 L . -3.59 -6.40 -27.82
C39 MC3 L . -2.39 -6.34 -26.89
C40 MC3 L . -2.30 -7.51 -25.92
C41 MC3 L . -1.28 -7.33 -24.81
C42 MC3 L . 0.15 -7.63 -25.20
C43 MC3 L . 1.16 -7.33 -24.09
N MC3 L . -12.18 3.07 -39.50
O2 MC3 L . -7.05 0.16 -33.70
O3 MC3 L . -4.55 1.90 -35.04
O11 MC3 L . -2.66 1.06 -35.77
O31 MC3 L . -6.29 -1.31 -35.25
O1P MC3 L . -10.58 3.61 -34.48
O2P MC3 L . -11.66 1.48 -35.72
O3P MC3 L . -9.18 1.55 -35.09
O4P MC3 L . -10.31 3.09 -36.99
P MC3 L . -10.55 2.42 -35.38
H11 MC3 L . -8.24 2.64 -33.67
H12 MC3 L . -7.83 3.02 -35.31
H2 MC3 L . -6.61 0.95 -35.56
H31 MC3 L . -5.84 3.10 -33.99
H32 MC3 L . -5.31 1.66 -33.12
H41 MC3 L . -10.83 1.40 -37.95
H42 MC3 L . -9.19 1.88 -38.22
H51 MC3 L . -10.27 3.96 -39.38
H52 MC3 L . -10.28 2.43 -40.20
H61 MC3 L . -13.76 1.76 -40.17
H62 MC3 L . -12.15 1.07 -40.31
H63 MC3 L . -12.92 1.17 -38.75
H71 MC3 L . -11.99 4.87 -40.68
H72 MC3 L . -13.54 4.09 -40.85
H73 MC3 L . -12.11 3.41 -41.62
H81 MC3 L . -13.87 3.95 -38.47
H82 MC3 L . -12.80 3.07 -37.44
H83 MC3 L . -12.32 4.65 -38.03
H121 MC3 L . -3.02 0.76 -32.82
H122 MC3 L . -4.43 -0.12 -33.34
H131 MC3 L . -3.18 -1.94 -34.07
H132 MC3 L . -2.02 -0.94 -34.87
H141 MC3 L . -0.59 -1.72 -33.27
H142 MC3 L . -1.25 -0.46 -32.31
H151 MC3 L . -2.60 -1.88 -31.05
H152 MC3 L . -2.71 -3.07 -32.29
H161 MC3 L . -1.26 -4.23 -31.00
H162 MC3 L . -0.05 -3.29 -31.79
H171 MC3 L . -1.30 -2.36 -29.20
H172 MC3 L . -0.02 -3.49 -29.20
H181 MC3 L . 1.19 -1.66 -30.73
H182 MC3 L . 0.03 -0.59 -30.05
H191 MC3 L . 2.13 -0.55 -28.79
H192 MC3 L . 0.84 -1.06 -27.78
H201 MC3 L . 1.58 -3.29 -27.70
H202 MC3 L . 2.46 -3.18 -29.15
H211 MC3 L . 4.17 -1.74 -28.05
H212 MC3 L . 3.26 -1.76 -26.58
H221 MC3 L . 5.28 -3.51 -27.18
H222 MC3 L . 4.09 -3.79 -25.97
H321 MC3 L . -7.60 -1.70 -32.28
H322 MC3 L . -7.73 -2.90 -33.52
H331 MC3 L . -5.25 -3.28 -33.47
H332 MC3 L . -5.04 -2.00 -32.34
H341 MC3 L . -6.56 -3.30 -30.74
H342 MC3 L . -6.54 -4.61 -31.84
H351 MC3 L . -4.06 -3.42 -30.53
H352 MC3 L . -4.04 -4.72 -31.65
H361 MC3 L . -5.77 -5.03 -29.20
H362 MC3 L . -4.98 -6.25 -30.12
H371 MC3 L . -2.73 -5.15 -29.32
H372 MC3 L . -3.70 -4.31 -28.18
H381 MC3 L . -4.51 -6.48 -27.23
H382 MC3 L . -3.56 -7.33 -28.39
H391 MC3 L . -2.43 -5.41 -26.32
H392 MC3 L . -1.47 -6.28 -27.47
H401 MC3 L . -3.27 -7.69 -25.48
H402 MC3 L . -2.08 -8.42 -26.47
H411 MC3 L . -1.34 -6.32 -24.42
H412 MC3 L . -1.55 -7.95 -23.95
H421 MC3 L . 0.25 -8.67 -25.50
H422 MC3 L . 0.42 -7.06 -26.09
H431 MC3 L . 1.16 -6.27 -23.88
H432 MC3 L . 2.16 -7.54 -24.45
C1 MC3 M . -9.89 10.77 17.63
C2 MC3 M . -11.24 10.65 18.29
C3 MC3 M . -11.36 11.57 19.47
C11 MC3 M . -11.87 13.95 18.82
C12 MC3 M . -13.36 13.69 18.63
C13 MC3 M . -14.13 13.65 19.95
C14 MC3 M . -15.58 13.25 19.67
C15 MC3 M . -16.38 14.33 18.98
C16 MC3 M . -16.98 13.94 17.64
C17 MC3 M . -17.73 15.07 16.96
C18 MC3 M . -18.48 14.65 15.69
C31 MC3 M . -12.73 10.29 16.35
C32 MC3 M . -14.00 10.92 15.83
C33 MC3 M . -14.19 10.72 14.34
C34 MC3 M . -15.37 11.54 13.88
C35 MC3 M . -15.82 11.27 12.46
C36 MC3 M . -16.97 12.15 12.00
C37 MC3 M . -17.51 11.81 10.62
O2 MC3 M . -12.36 10.95 17.48
O3 MC3 M . -11.00 12.94 19.19
O11 MC3 M . -11.38 15.05 18.64
O31 MC3 M . -12.11 9.35 15.89
O1P MC3 M . -7.57 8.05 17.00
O2P MC3 M . -9.52 8.03 18.85
O3P MC3 M . -9.57 9.66 16.84
O4P MC3 M . -9.90 6.99 16.70
P MC3 M . -8.96 8.26 17.48
H11 MC3 M . -9.84 11.67 17.02
H12 MC3 M . -9.12 10.87 18.39
H2 MC3 M . -11.33 9.64 18.70
H31 MC3 M . -12.39 11.59 19.84
H32 MC3 M . -10.75 11.18 20.28
H121 MC3 M . -13.46 12.75 18.09
H122 MC3 M . -13.78 14.44 17.97
H131 MC3 M . -13.67 12.95 20.65
H132 MC3 M . -14.10 14.61 20.45
H141 MC3 M . -15.59 12.34 19.07
H142 MC3 M . -16.07 12.96 20.60
H151 MC3 M . -17.17 14.67 19.65
H152 MC3 M . -15.76 15.21 18.86
H161 MC3 M . -16.19 13.57 16.99
H162 MC3 M . -17.65 13.09 17.78
H171 MC3 M . -18.43 15.51 17.66
H172 MC3 M . -17.03 15.87 16.72
H181 MC3 M . -19.38 14.09 15.97
H182 MC3 M . -18.86 15.54 15.20
H321 MC3 M . -13.98 11.98 16.07
H322 MC3 M . -14.85 10.53 16.39
H331 MC3 M . -14.32 9.66 14.11
H332 MC3 M . -13.28 11.01 13.79
H341 MC3 M . -16.21 11.37 14.55
H342 MC3 M . -15.15 12.60 13.99
H351 MC3 M . -14.97 11.40 11.77
H352 MC3 M . -16.09 10.23 12.35
H361 MC3 M . -17.77 12.10 12.73
H362 MC3 M . -16.66 13.20 12.02
H371 MC3 M . -17.57 10.73 10.52
H372 MC3 M . -18.54 12.15 10.55
C1 MC3 N . -1.72 30.47 15.79
C2 MC3 N . -1.74 30.32 14.29
C3 MC3 N . -1.84 28.87 13.87
C4 MC3 N . 0.83 31.14 18.21
C5 MC3 N . 1.79 30.71 19.30
C6 MC3 N . 3.21 32.73 19.40
C7 MC3 N . 3.15 31.21 21.29
C8 MC3 N . 1.22 32.61 20.79
C11 MC3 N . -3.66 27.32 13.51
C12 MC3 N . -4.96 26.87 14.11
C13 MC3 N . -6.08 26.91 13.05
C14 MC3 N . -7.43 27.13 13.73
C15 MC3 N . -8.62 26.51 13.01
C16 MC3 N . -8.91 27.08 11.64
C17 MC3 N . -10.22 26.59 11.04
C31 MC3 N . -2.56 32.11 12.86
C32 MC3 N . -3.81 32.69 12.23
C33 MC3 N . -4.93 31.63 12.17
C34 MC3 N . -6.05 32.07 11.24
C35 MC3 N . -7.41 32.20 11.89
C36 MC3 N . -8.28 30.97 11.74
N MC3 N . 2.34 31.82 20.19
O2 MC3 N . -2.81 30.99 13.63
O3 MC3 N . -3.10 28.33 14.27
O11 MC3 N . -3.12 26.89 12.51
O31 MC3 N . -1.44 32.55 12.75
O1P MC3 N . -2.95 31.88 18.36
O2P MC3 N . -0.90 33.56 17.97
O3P MC3 N . -1.49 31.80 16.20
O4P MC3 N . -0.45 31.27 18.67
P MC3 N . -1.63 32.27 17.80
H11 MC3 N . -0.97 29.82 16.24
H12 MC3 N . -2.68 30.16 16.21
H2 MC3 N . -0.78 30.67 13.90
H31 MC3 N . -1.76 28.78 12.79
H32 MC3 N . -1.02 28.32 14.32
H41 MC3 N . 0.87 30.34 17.46
H42 MC3 N . 1.19 32.02 17.69
H51 MC3 N . 1.31 29.98 19.94
H52 MC3 N . 2.63 30.20 18.84
H61 MC3 N . 3.74 33.44 20.03
H62 MC3 N . 3.96 32.17 18.83
H63 MC3 N . 2.67 33.31 18.66
H71 MC3 N . 3.63 31.96 21.91
H72 MC3 N . 2.54 30.59 21.96
H73 MC3 N . 3.93 30.57 20.90
H81 MC3 N . 1.59 33.42 21.43
H82 MC3 N . 0.60 31.99 21.43
H83 MC3 N . 0.58 33.07 20.04
H121 MC3 N . -4.84 25.87 14.51
H122 MC3 N . -5.22 27.50 14.97
H131 MC3 N . -5.89 27.70 12.31
H132 MC3 N . -6.10 25.99 12.48
H141 MC3 N . -7.39 26.76 14.74
H142 MC3 N . -7.60 28.20 13.84
H151 MC3 N . -8.45 25.44 12.93
H152 MC3 N . -9.50 26.59 13.65
H161 MC3 N . -8.92 28.17 11.69
H162 MC3 N . -8.09 26.85 10.96
H171 MC3 N . -10.96 26.48 11.83
H172 MC3 N . -10.63 27.36 10.39
H321 MC3 N . -4.13 33.55 12.80
H322 MC3 N . -3.57 33.07 11.24
H331 MC3 N . -5.32 31.42 13.16
H332 MC3 N . -4.51 30.68 11.83
H341 MC3 N . -6.11 31.38 10.40
H342 MC3 N . -5.78 33.02 10.78
H351 MC3 N . -7.93 33.07 11.49
H352 MC3 N . -7.28 32.43 12.95
H361 MC3 N . -8.48 30.79 10.69
H362 MC3 N . -7.73 30.08 12.06
C1 MC3 O . -10.69 -8.63 1.22
C2 MC3 O . -10.32 -9.72 0.25
C3 MC3 O . -9.50 -10.81 0.88
C11 MC3 O . -7.48 -11.41 -0.32
C12 MC3 O . -6.94 -12.27 -1.44
C13 MC3 O . -8.05 -13.21 -1.98
C14 MC3 O . -7.54 -14.07 -3.12
C15 MC3 O . -7.56 -13.40 -4.49
C16 MC3 O . -8.95 -13.01 -4.97
C17 MC3 O . -9.05 -12.72 -6.46
C18 MC3 O . -10.17 -11.76 -6.81
C19 MC3 O . -10.87 -12.06 -8.12
C20 MC3 O . -11.90 -11.01 -8.51
C21 MC3 O . -12.79 -11.41 -9.66
C31 MC3 O . -12.01 -10.07 -1.58
C32 MC3 O . -11.44 -8.94 -2.39
C33 MC3 O . -12.61 -8.23 -3.08
C34 MC3 O . -12.93 -8.75 -4.47
C35 MC3 O . -14.39 -8.56 -4.88
C36 MC3 O . -14.63 -8.40 -6.37
C37 MC3 O . -15.42 -9.50 -7.03
C38 MC3 O . -16.90 -9.19 -7.21
C39 MC3 O . -17.57 -9.99 -8.32
C40 MC3 O . -18.91 -9.41 -8.77
C41 MC3 O . -19.58 -10.20 -9.88
O2 MC3 O . -11.45 -10.38 -0.35
O3 MC3 O . -8.83 -11.56 -0.14
O11 MC3 O . -6.81 -10.63 0.36
O31 MC3 O . -12.95 -10.74 -1.94
O1P MC3 O . -11.02 -6.50 3.33
O2P MC3 O . -8.43 -6.94 3.89
O3P MC3 O . -9.60 -8.13 1.94
O4P MC3 O . -10.09 -8.57 4.55
P MC3 O . -9.78 -7.31 3.36
H11 MC3 O . -11.20 -7.81 0.71
H12 MC3 O . -11.40 -9.02 1.95
H2 MC3 O . -9.69 -9.28 -0.52
H31 MC3 O . -8.75 -10.39 1.55
H32 MC3 O . -10.15 -11.45 1.47
H121 MC3 O . -6.55 -11.63 -2.23
H122 MC3 O . -6.09 -12.85 -1.08
H131 MC3 O . -8.43 -13.83 -1.18
H132 MC3 O . -8.90 -12.62 -2.32
H141 MC3 O . -6.52 -14.41 -2.90
H142 MC3 O . -8.12 -14.99 -3.16
H151 MC3 O . -6.91 -12.53 -4.48
H152 MC3 O . -7.10 -14.07 -5.22
H161 MC3 O . -9.66 -13.78 -4.69
H162 MC3 O . -9.29 -12.14 -4.41
H171 MC3 O . -9.19 -13.66 -7.00
H172 MC3 O . -8.10 -12.34 -6.83
H181 MC3 O . -10.89 -11.74 -6.01
H182 MC3 O . -9.77 -10.74 -6.83
H191 MC3 O . -10.13 -12.15 -8.92
H201 MC3 O . -12.51 -10.76 -7.64
H202 MC3 O . -11.39 -10.07 -8.75
H211 MC3 O . -13.82 -11.45 -9.32
H212 MC3 O . -12.78 -10.62 -10.42
H321 MC3 O . -10.88 -8.26 -1.75
H322 MC3 O . -10.72 -9.32 -3.12
H331 MC3 O . -12.42 -7.16 -3.13
H332 MC3 O . -13.50 -8.31 -2.45
H341 MC3 O . -12.29 -8.27 -5.20
H342 MC3 O . -12.67 -9.81 -4.54
H351 MC3 O . -14.98 -9.40 -4.51
H352 MC3 O . -14.80 -7.70 -4.35
H361 MC3 O . -15.11 -7.44 -6.55
H362 MC3 O . -13.66 -8.30 -6.86
H371 MC3 O . -14.99 -9.74 -8.00
H372 MC3 O . -15.32 -10.42 -6.46
H381 MC3 O . -17.43 -9.36 -6.27
H382 MC3 O . -17.03 -8.13 -7.40
H391 MC3 O . -16.90 -10.06 -9.18
H392 MC3 O . -17.71 -11.02 -7.99
H401 MC3 O . -19.58 -9.34 -7.92
H402 MC3 O . -18.77 -8.38 -9.08
H411 MC3 O . -19.98 -11.13 -9.47
H412 MC3 O . -20.46 -9.65 -10.23
C4 MC3 P . -10.59 23.52 16.89
C5 MC3 P . -9.88 24.12 18.07
C6 MC3 P . -8.02 25.23 16.89
C7 MC3 P . -7.82 24.70 19.26
C8 MC3 P . -7.76 22.91 17.61
N MC3 P . -8.38 24.24 17.96
O1P MC3 P . -11.36 20.03 17.55
O2P MC3 P . -12.06 21.04 15.17
O3P MC3 P . -13.09 21.94 17.36
O4P MC3 P . -10.44 22.16 16.84
P MC3 P . -11.84 21.11 16.64
H41 MC3 P . -10.28 24.02 15.97
H42 MC3 P . -11.63 23.77 17.01
H51 MC3 P . -10.29 25.11 18.25
H52 MC3 P . -10.10 23.54 18.96
H61 MC3 P . -8.67 26.10 16.91
H62 MC3 P . -6.99 25.58 17.00
H63 MC3 P . -8.09 24.81 15.90
H71 MC3 P . -8.03 24.00 20.07
H72 MC3 P . -6.73 24.82 19.23
H73 MC3 P . -8.21 25.67 19.56
H81 MC3 P . -7.98 22.60 16.59
H82 MC3 P . -6.68 22.95 17.69
H83 MC3 P . -8.11 22.13 18.27
C11 MC3 Q . -13.69 -3.39 4.50
C12 MC3 Q . -15.15 -3.01 4.21
C13 MC3 Q . -15.55 -3.39 2.79
C14 MC3 Q . -16.99 -3.04 2.44
C15 MC3 Q . -17.36 -3.40 1.01
C16 MC3 Q . -18.78 -3.01 0.63
C17 MC3 Q . -19.14 -3.32 -0.81
C18 MC3 Q . -20.54 -2.92 -1.20
H121 MC3 Q . -15.80 -3.50 4.93
H122 MC3 Q . -15.31 -1.95 4.37
H131 MC3 Q . -14.87 -2.92 2.08
H132 MC3 Q . -15.40 -4.45 2.63
H141 MC3 Q . -17.66 -3.52 3.14
H142 MC3 Q . -17.14 -1.97 2.60
H151 MC3 Q . -16.67 -2.95 0.32
H152 MC3 Q . -17.24 -4.47 0.87
H161 MC3 Q . -18.94 -1.96 0.83
H162 MC3 Q . -19.49 -3.52 1.29
H171 MC3 Q . -18.42 -2.82 -1.47
H172 MC3 Q . -18.99 -4.37 -1.01
H181 MC3 Q . -20.76 -3.27 -2.22
H111 MC3 Q . -13.38 -4.28 3.95
H112 MC3 Q . -13.53 -3.60 5.55
C ACT R . -1.42 8.31 9.79
O ACT R . -0.93 7.81 10.83
OXT ACT R . -0.71 8.28 8.77
CH3 ACT R . -2.80 8.91 9.79
H1 ACT R . -2.73 9.96 9.50
H2 ACT R . -3.43 8.38 9.07
H3 ACT R . -3.24 8.83 10.78
C ACT S . -2.85 19.74 1.02
O ACT S . -3.89 19.15 0.65
OXT ACT S . -2.86 20.99 0.91
CH3 ACT S . -1.66 19.00 1.56
H1 ACT S . -0.80 19.20 0.92
H2 ACT S . -1.46 19.33 2.57
H3 ACT S . -1.87 17.93 1.56
CL CL T . -32.52 20.34 -16.21
CL CL U . -4.55 23.76 16.34
CL CL V . -18.65 18.61 -0.33
#